data_4HWO
#
_entry.id   4HWO
#
_cell.length_a   85.900
_cell.length_b   110.300
_cell.length_c   114.360
_cell.angle_alpha   90.000
_cell.angle_beta   90.000
_cell.angle_gamma   90.000
#
_symmetry.space_group_name_H-M   'P 21 21 21'
#
loop_
_entity.id
_entity.type
_entity.pdbx_description
1 polymer 'Threonine--tRNA ligase'
2 non-polymer 'ZINC ION'
3 non-polymer N-{[3-(4-aminoquinazolin-7-yl)phenyl]sulfonyl}-L-threoninamide
4 water water
#
_entity_poly.entity_id   1
_entity_poly.type   'polypeptide(L)'
_entity_poly.pdbx_seq_one_letter_code
;MARDHRKIGKQLDLYHMQEEAPGMVFWHNDGWTIFRELEVFVRSKLKEYQYQEVKGPFMMDRVLWEKTGHWDNYKDAMFT
TSSENREYCIKPMNCPGHVQIFNQGLKSYRDLPLRMAEFGSCHRNEPSGSLHGLMRVRGFTQDDAHIFCTEEQIRDEVNG
CIRLVYDMYSTFGFEKIVVKLSTRPEKRIGSDEMWDRAEADLAVALEENNIPFEYQLGEGAFYGPKIEFTLYDCLDRAWQ
CGTVQLDFSLPSRLSASYVGEDNERKVPVMIHRAILGSMERFIGILTEEFAGFFPTWLAPVQVVIMNITDSQSEYVNELT
QKLSNAGIRVKADLRNEKIGFKIREHTLRRVPYMLVCGDKEVESGKVAVRTRRGKDLGSMDVNEVIEKLQQEIRSRSLKQ
LEELEHHHHHH
;
_entity_poly.pdbx_strand_id   A,B
#
loop_
_chem_comp.id
_chem_comp.type
_chem_comp.name
_chem_comp.formula
409 non-polymer N-{[3-(4-aminoquinazolin-7-yl)phenyl]sulfonyl}-L-threoninamide 'C18 H19 N5 O4 S'
ZN non-polymer 'ZINC ION' 'Zn 2'
#
# COMPACT_ATOMS: atom_id res chain seq x y z
N ARG A 3 -7.64 -2.72 28.49
CA ARG A 3 -6.15 -2.73 28.39
C ARG A 3 -5.68 -1.98 27.16
N ASP A 4 -4.64 -1.19 27.39
CA ASP A 4 -4.11 -0.29 26.42
C ASP A 4 -3.63 -0.97 25.13
N HIS A 5 -3.89 -0.34 23.97
CA HIS A 5 -3.38 -0.86 22.70
C HIS A 5 -1.87 -0.89 22.61
N ARG A 6 -1.19 -0.09 23.41
CA ARG A 6 0.29 -0.05 23.37
C ARG A 6 0.85 -1.33 24.00
N LYS A 7 0.19 -1.81 25.04
CA LYS A 7 0.65 -3.04 25.71
C LYS A 7 0.31 -4.21 24.79
N ILE A 8 -0.89 -4.17 24.22
CA ILE A 8 -1.30 -5.29 23.36
C ILE A 8 -0.40 -5.34 22.11
N GLY A 9 -0.06 -4.16 21.60
CA GLY A 9 0.84 -4.01 20.44
C GLY A 9 2.18 -4.65 20.70
N LYS A 10 2.75 -4.44 21.89
CA LYS A 10 4.00 -5.14 22.24
C LYS A 10 3.79 -6.66 22.33
N GLN A 11 2.73 -7.10 23.02
CA GLN A 11 2.41 -8.52 23.20
C GLN A 11 2.31 -9.28 21.87
N LEU A 12 1.77 -8.61 20.84
CA LEU A 12 1.52 -9.24 19.56
C LEU A 12 2.61 -8.85 18.53
N ASP A 13 3.61 -8.10 18.99
CA ASP A 13 4.74 -7.70 18.10
C ASP A 13 4.21 -6.96 16.87
N LEU A 14 3.28 -6.03 17.07
CA LEU A 14 2.65 -5.37 15.91
C LEU A 14 3.50 -4.22 15.36
N TYR A 15 4.15 -3.47 16.27
CA TYR A 15 4.82 -2.21 15.90
C TYR A 15 5.72 -1.80 17.06
N HIS A 16 6.58 -0.83 16.83
CA HIS A 16 7.22 -0.14 17.95
C HIS A 16 7.50 1.29 17.57
N MET A 17 7.86 2.09 18.57
CA MET A 17 8.35 3.41 18.32
C MET A 17 9.68 3.62 19.09
N GLN A 18 10.50 4.52 18.62
CA GLN A 18 11.78 4.84 19.28
C GLN A 18 11.81 6.30 19.61
N GLU A 19 12.73 6.78 20.46
CA GLU A 19 12.99 8.25 20.45
C GLU A 19 13.73 8.85 19.23
N GLU A 20 14.47 8.02 18.49
CA GLU A 20 15.09 8.48 17.19
C GLU A 20 14.00 8.98 16.20
N ALA A 21 12.72 8.73 16.51
CA ALA A 21 11.66 9.10 15.61
C ALA A 21 10.31 9.25 16.38
N PRO A 22 10.19 10.28 17.21
CA PRO A 22 8.96 10.46 18.01
C PRO A 22 7.66 10.51 17.14
N GLY A 23 6.63 9.75 17.52
CA GLY A 23 5.38 9.62 16.71
C GLY A 23 5.52 9.04 15.30
N MET A 24 6.63 8.36 15.03
CA MET A 24 6.81 7.74 13.72
C MET A 24 6.74 6.24 13.96
N VAL A 25 5.82 5.56 13.29
CA VAL A 25 5.58 4.16 13.62
C VAL A 25 6.54 3.23 12.85
N PHE A 26 7.08 2.21 13.53
CA PHE A 26 7.74 1.11 12.82
C PHE A 26 6.71 -0.03 12.82
N TRP A 27 6.12 -0.34 11.67
CA TRP A 27 5.19 -1.52 11.60
C TRP A 27 5.97 -2.78 11.37
N HIS A 28 5.89 -3.68 12.34
CA HIS A 28 6.50 -4.97 12.18
C HIS A 28 5.63 -5.81 11.25
N ASN A 29 6.10 -7.00 10.92
CA ASN A 29 5.38 -7.83 9.96
C ASN A 29 3.91 -8.01 10.36
N ASP A 30 3.68 -8.36 11.63
CA ASP A 30 2.33 -8.75 12.05
C ASP A 30 1.40 -7.55 12.12
N GLY A 31 1.89 -6.38 12.54
CA GLY A 31 1.05 -5.18 12.51
C GLY A 31 0.79 -4.74 11.07
N TRP A 32 1.83 -4.88 10.23
CA TRP A 32 1.68 -4.49 8.80
C TRP A 32 0.65 -5.38 8.11
N THR A 33 0.61 -6.66 8.49
CA THR A 33 -0.46 -7.57 7.98
C THR A 33 -1.88 -6.99 8.21
N ILE A 34 -2.09 -6.48 9.43
CA ILE A 34 -3.40 -5.89 9.79
C ILE A 34 -3.67 -4.66 8.93
N PHE A 35 -2.67 -3.76 8.84
CA PHE A 35 -2.77 -2.52 8.03
C PHE A 35 -3.12 -2.94 6.60
N ARG A 36 -2.40 -3.93 6.05
CA ARG A 36 -2.66 -4.34 4.68
C ARG A 36 -4.02 -4.95 4.43
N GLU A 37 -4.52 -5.75 5.36
CA GLU A 37 -5.88 -6.29 5.26
C GLU A 37 -6.90 -5.19 5.32
N LEU A 38 -6.65 -4.15 6.14
CA LEU A 38 -7.59 -3.03 6.15
C LEU A 38 -7.58 -2.33 4.81
N GLU A 39 -6.39 -2.16 4.20
CA GLU A 39 -6.34 -1.56 2.87
C GLU A 39 -7.15 -2.39 1.87
N VAL A 40 -7.00 -3.71 1.91
CA VAL A 40 -7.79 -4.56 1.00
C VAL A 40 -9.32 -4.35 1.20
N PHE A 41 -9.75 -4.30 2.47
CA PHE A 41 -11.17 -4.09 2.82
C PHE A 41 -11.65 -2.72 2.27
N VAL A 42 -10.90 -1.67 2.56
CA VAL A 42 -11.27 -0.36 2.04
C VAL A 42 -11.32 -0.40 0.51
N ARG A 43 -10.30 -0.97 -0.14
CA ARG A 43 -10.36 -1.10 -1.60
C ARG A 43 -11.59 -1.81 -2.14
N SER A 44 -12.04 -2.86 -1.46
CA SER A 44 -13.27 -3.55 -1.90
C SER A 44 -14.44 -2.58 -1.91
N LYS A 45 -14.46 -1.68 -0.94
CA LYS A 45 -15.52 -0.62 -0.85
C LYS A 45 -15.33 0.49 -1.87
N LEU A 46 -14.10 0.90 -2.12
CA LEU A 46 -13.79 1.90 -3.17
C LEU A 46 -14.31 1.41 -4.54
N LYS A 47 -14.08 0.14 -4.81
CA LYS A 47 -14.55 -0.47 -6.05
C LYS A 47 -16.07 -0.39 -6.13
N GLU A 48 -16.73 -0.80 -5.07
CA GLU A 48 -18.16 -0.95 -5.06
C GLU A 48 -18.82 0.42 -5.21
N TYR A 49 -18.31 1.39 -4.43
CA TYR A 49 -18.81 2.76 -4.46
C TYR A 49 -18.25 3.66 -5.57
N GLN A 50 -17.50 3.07 -6.51
CA GLN A 50 -16.95 3.74 -7.72
C GLN A 50 -15.99 4.92 -7.49
N TYR A 51 -14.90 4.65 -6.76
CA TYR A 51 -13.87 5.64 -6.53
C TYR A 51 -12.65 5.35 -7.39
N GLN A 52 -12.00 6.39 -7.91
CA GLN A 52 -10.62 6.26 -8.42
C GLN A 52 -9.70 6.09 -7.19
N GLU A 53 -8.52 5.54 -7.40
CA GLU A 53 -7.49 5.55 -6.36
C GLU A 53 -6.20 6.08 -6.96
N VAL A 54 -5.64 7.10 -6.31
CA VAL A 54 -4.46 7.82 -6.80
C VAL A 54 -3.35 7.83 -5.76
N LYS A 55 -2.23 8.45 -6.09
CA LYS A 55 -1.21 8.72 -5.07
C LYS A 55 -0.59 10.08 -5.40
N GLY A 56 -0.61 10.97 -4.43
CA GLY A 56 -0.01 12.29 -4.57
C GLY A 56 1.35 12.28 -3.90
N PRO A 57 2.22 13.23 -4.26
CA PRO A 57 3.56 13.23 -3.75
C PRO A 57 3.62 13.68 -2.28
N PHE A 58 4.70 13.26 -1.61
CA PHE A 58 4.91 13.60 -0.19
C PHE A 58 5.12 15.08 0.01
N MET A 59 5.72 15.76 -0.96
CA MET A 59 5.95 17.19 -0.75
C MET A 59 5.69 18.02 -1.96
N MET A 60 5.35 19.27 -1.70
CA MET A 60 5.06 20.26 -2.73
C MET A 60 5.57 21.62 -2.25
N ASP A 61 5.79 22.54 -3.20
CA ASP A 61 6.26 23.92 -2.91
C ASP A 61 5.41 24.58 -1.83
N ARG A 62 6.07 25.27 -0.91
CA ARG A 62 5.38 26.10 0.06
C ARG A 62 4.42 27.09 -0.63
N VAL A 63 4.73 27.56 -1.84
CA VAL A 63 3.84 28.51 -2.53
C VAL A 63 2.41 27.94 -2.67
N LEU A 64 2.31 26.66 -3.04
CA LEU A 64 1.01 26.01 -3.16
C LEU A 64 0.27 25.99 -1.80
N TRP A 65 1.00 25.65 -0.73
CA TRP A 65 0.40 25.67 0.61
C TRP A 65 -0.03 27.03 1.09
N GLU A 66 0.65 28.08 0.63
CA GLU A 66 0.19 29.44 0.90
C GLU A 66 -1.13 29.76 0.17
N LYS A 67 -1.26 29.31 -1.07
CA LYS A 67 -2.46 29.56 -1.88
C LYS A 67 -3.72 28.93 -1.24
N THR A 68 -3.57 27.77 -0.61
CA THR A 68 -4.74 27.09 -0.03
C THR A 68 -5.27 27.75 1.24
N GLY A 69 -4.45 28.56 1.90
CA GLY A 69 -4.70 28.97 3.27
C GLY A 69 -4.11 28.05 4.36
N HIS A 70 -3.49 26.90 3.99
CA HIS A 70 -2.74 26.08 4.99
C HIS A 70 -1.64 26.78 5.70
N TRP A 71 -0.87 27.58 4.97
CA TRP A 71 0.25 28.28 5.62
C TRP A 71 -0.20 29.20 6.73
N ASP A 72 -1.21 30.04 6.48
CA ASP A 72 -1.74 30.92 7.54
C ASP A 72 -2.43 30.18 8.67
N ASN A 73 -3.21 29.15 8.31
CA ASN A 73 -4.13 28.48 9.24
C ASN A 73 -3.65 27.15 9.78
N TYR A 74 -2.51 26.68 9.28
CA TYR A 74 -2.05 25.34 9.58
C TYR A 74 -0.53 25.27 9.75
N LYS A 75 0.12 26.44 9.85
CA LYS A 75 1.58 26.57 9.86
C LYS A 75 2.31 25.69 10.86
N ASP A 76 1.87 25.80 12.13
CA ASP A 76 2.49 25.14 13.28
C ASP A 76 2.61 23.61 13.13
N ALA A 77 1.67 23.04 12.39
CA ALA A 77 1.61 21.60 12.22
C ALA A 77 2.42 21.08 11.04
N MET A 78 2.95 21.94 10.17
CA MET A 78 3.63 21.46 8.95
C MET A 78 5.15 21.31 9.08
N PHE A 79 5.66 20.16 8.63
CA PHE A 79 7.08 19.98 8.48
C PHE A 79 7.52 20.60 7.17
N THR A 80 8.62 21.33 7.16
CA THR A 80 9.12 21.90 5.90
C THR A 80 10.53 21.39 5.63
N THR A 81 10.94 21.46 4.39
CA THR A 81 12.27 21.05 3.98
C THR A 81 12.61 21.92 2.78
N SER A 82 13.84 21.84 2.28
CA SER A 82 14.18 22.67 1.13
C SER A 82 15.15 21.95 0.19
N SER A 83 15.16 22.39 -1.07
CA SER A 83 16.11 21.95 -2.08
C SER A 83 16.34 23.14 -3.01
N GLU A 84 17.62 23.41 -3.29
CA GLU A 84 18.05 24.38 -4.30
C GLU A 84 17.32 25.72 -4.10
N ASN A 85 17.36 26.22 -2.87
CA ASN A 85 16.74 27.52 -2.48
C ASN A 85 15.22 27.60 -2.57
N ARG A 86 14.55 26.44 -2.58
CA ARG A 86 13.10 26.43 -2.58
C ARG A 86 12.60 25.63 -1.38
N GLU A 87 11.49 26.10 -0.81
CA GLU A 87 10.97 25.51 0.41
C GLU A 87 9.76 24.66 0.05
N TYR A 88 9.69 23.48 0.70
CA TYR A 88 8.65 22.47 0.45
C TYR A 88 7.98 22.16 1.75
N CYS A 89 6.68 21.81 1.69
CA CYS A 89 6.00 21.33 2.88
C CYS A 89 5.81 19.83 2.68
N ILE A 90 6.05 19.04 3.72
CA ILE A 90 5.67 17.66 3.67
C ILE A 90 4.14 17.69 3.87
N LYS A 91 3.37 16.98 3.05
CA LYS A 91 1.91 17.19 3.09
C LYS A 91 1.29 16.76 4.42
N PRO A 92 0.45 17.65 5.02
CA PRO A 92 -0.39 17.32 6.19
C PRO A 92 -1.76 16.83 5.81
N MET A 93 -2.12 16.98 4.54
CA MET A 93 -3.42 16.59 4.01
C MET A 93 -3.23 16.25 2.53
N ASN A 94 -4.16 15.48 1.98
CA ASN A 94 -4.04 15.01 0.58
C ASN A 94 -4.78 15.83 -0.44
N CYS A 95 -5.63 16.74 0.08
CA CYS A 95 -6.59 17.46 -0.80
C CYS A 95 -5.94 18.30 -1.91
N PRO A 96 -4.93 19.13 -1.56
CA PRO A 96 -4.33 19.90 -2.60
C PRO A 96 -3.72 19.05 -3.72
N GLY A 97 -3.06 17.94 -3.37
CA GLY A 97 -2.57 17.03 -4.40
C GLY A 97 -3.70 16.51 -5.32
N HIS A 98 -4.84 16.20 -4.72
CA HIS A 98 -6.02 15.74 -5.50
C HIS A 98 -6.49 16.79 -6.44
N VAL A 99 -6.49 18.03 -5.98
CA VAL A 99 -6.88 19.14 -6.86
C VAL A 99 -5.87 19.30 -8.00
N GLN A 100 -4.59 19.13 -7.72
CA GLN A 100 -3.61 19.18 -8.83
C GLN A 100 -3.86 18.13 -9.86
N ILE A 101 -4.24 16.93 -9.44
CA ILE A 101 -4.59 15.87 -10.40
C ILE A 101 -5.85 16.25 -11.19
N PHE A 102 -6.86 16.74 -10.49
CA PHE A 102 -8.11 17.19 -11.13
C PHE A 102 -7.80 18.22 -12.24
N ASN A 103 -6.89 19.12 -11.93
CA ASN A 103 -6.49 20.26 -12.78
C ASN A 103 -5.74 19.83 -14.05
N GLN A 104 -5.27 18.59 -14.12
CA GLN A 104 -4.68 18.07 -15.37
C GLN A 104 -5.79 17.65 -16.31
N GLY A 105 -5.85 18.24 -17.49
CA GLY A 105 -6.89 17.90 -18.47
C GLY A 105 -8.23 18.56 -18.22
N LEU A 106 -8.86 19.00 -19.30
CA LEU A 106 -10.12 19.72 -19.24
C LEU A 106 -11.17 18.80 -18.62
N LYS A 107 -11.92 19.29 -17.64
CA LYS A 107 -13.01 18.51 -17.07
C LYS A 107 -14.33 19.09 -17.49
N SER A 108 -15.30 18.19 -17.63
CA SER A 108 -16.64 18.59 -17.99
C SER A 108 -17.61 18.09 -16.92
N TYR A 109 -18.82 18.68 -16.90
CA TYR A 109 -19.88 18.19 -16.00
C TYR A 109 -20.10 16.66 -16.16
N ARG A 110 -19.79 16.12 -17.33
CA ARG A 110 -19.90 14.68 -17.61
C ARG A 110 -19.01 13.84 -16.70
N ASP A 111 -17.90 14.43 -16.26
CA ASP A 111 -16.90 13.79 -15.39
C ASP A 111 -17.27 13.80 -13.91
N LEU A 112 -18.39 14.42 -13.57
CA LEU A 112 -18.76 14.59 -12.17
C LEU A 112 -20.00 13.75 -11.86
N PRO A 113 -20.07 13.19 -10.66
CA PRO A 113 -19.12 13.36 -9.52
C PRO A 113 -17.87 12.55 -9.81
N LEU A 114 -16.72 13.12 -9.47
CA LEU A 114 -15.45 12.45 -9.67
C LEU A 114 -14.93 12.12 -8.26
N ARG A 115 -14.87 10.82 -7.92
CA ARG A 115 -14.54 10.40 -6.57
C ARG A 115 -13.10 9.89 -6.52
N MET A 116 -12.25 10.64 -5.83
CA MET A 116 -10.79 10.40 -5.92
C MET A 116 -10.24 9.99 -4.54
N ALA A 117 -10.00 8.69 -4.35
CA ALA A 117 -9.48 8.15 -3.09
C ALA A 117 -7.96 8.06 -3.08
N GLU A 118 -7.38 8.11 -1.87
CA GLU A 118 -5.94 7.83 -1.71
C GLU A 118 -5.71 7.31 -0.30
N PHE A 119 -4.82 6.33 -0.14
CA PHE A 119 -4.32 6.02 1.21
C PHE A 119 -3.21 7.01 1.39
N GLY A 120 -3.56 8.17 1.94
CA GLY A 120 -2.65 9.30 1.84
C GLY A 120 -1.81 9.47 3.08
N SER A 121 -0.48 9.37 2.93
CA SER A 121 0.40 9.49 4.10
C SER A 121 0.62 10.95 4.42
N CYS A 122 0.23 11.36 5.62
CA CYS A 122 0.33 12.71 6.09
C CYS A 122 1.32 12.78 7.24
N HIS A 123 1.95 13.94 7.37
CA HIS A 123 2.75 14.25 8.54
C HIS A 123 2.28 15.54 9.13
N ARG A 124 2.07 15.51 10.44
CA ARG A 124 1.67 16.69 11.17
C ARG A 124 2.55 16.76 12.40
N ASN A 125 3.08 17.95 12.66
CA ASN A 125 4.00 18.11 13.76
C ASN A 125 3.22 18.31 15.06
N GLU A 126 2.54 17.24 15.51
CA GLU A 126 1.69 17.27 16.71
C GLU A 126 2.64 17.52 17.89
N PRO A 127 2.23 18.39 18.85
CA PRO A 127 3.08 18.66 20.01
C PRO A 127 3.45 17.36 20.72
N SER A 128 4.72 17.20 21.12
CA SER A 128 5.16 15.91 21.65
C SER A 128 4.38 15.50 22.91
N GLY A 129 3.89 16.49 23.65
CA GLY A 129 3.03 16.24 24.81
C GLY A 129 1.67 15.61 24.50
N SER A 130 1.21 15.74 23.25
CA SER A 130 -0.12 15.24 22.89
C SER A 130 -0.06 13.84 22.24
N LEU A 131 1.13 13.30 22.02
CA LEU A 131 1.27 12.01 21.33
C LEU A 131 0.72 10.92 22.21
N HIS A 132 0.11 9.91 21.59
CA HIS A 132 -0.48 8.82 22.35
C HIS A 132 -0.57 7.58 21.49
N GLY A 133 0.42 6.71 21.62
CA GLY A 133 0.39 5.41 20.95
C GLY A 133 0.19 5.56 19.45
N LEU A 134 -0.68 4.71 18.91
CA LEU A 134 -1.11 4.79 17.51
C LEU A 134 -2.21 5.85 17.28
N MET A 135 -2.84 6.34 18.34
CA MET A 135 -4.04 7.19 18.21
C MET A 135 -3.65 8.59 17.80
N ARG A 136 -2.50 9.06 18.30
CA ARG A 136 -1.99 10.37 17.89
C ARG A 136 -0.49 10.25 17.66
N VAL A 137 -0.14 10.12 16.38
CA VAL A 137 1.24 9.97 15.91
C VAL A 137 1.62 11.24 15.10
N ARG A 138 2.81 11.28 14.53
CA ARG A 138 3.14 12.38 13.61
C ARG A 138 3.08 12.00 12.13
N GLY A 139 3.30 10.71 11.81
CA GLY A 139 3.14 10.22 10.42
C GLY A 139 2.04 9.18 10.41
N PHE A 140 1.00 9.40 9.58
CA PHE A 140 -0.12 8.50 9.57
C PHE A 140 -0.73 8.49 8.20
N THR A 141 -1.53 7.46 7.94
CA THR A 141 -2.11 7.24 6.61
C THR A 141 -3.62 7.32 6.69
N GLN A 142 -4.21 8.31 6.04
CA GLN A 142 -5.68 8.42 5.99
C GLN A 142 -6.25 7.57 4.87
N ASP A 143 -7.40 6.96 5.10
CA ASP A 143 -8.19 6.39 3.99
C ASP A 143 -9.03 7.53 3.44
N ASP A 144 -8.36 8.42 2.70
CA ASP A 144 -8.90 9.71 2.29
C ASP A 144 -9.55 9.60 0.91
N ALA A 145 -10.42 10.56 0.61
CA ALA A 145 -10.95 10.81 -0.71
C ALA A 145 -11.51 12.23 -0.78
N HIS A 146 -11.42 12.81 -1.98
CA HIS A 146 -12.16 14.01 -2.32
C HIS A 146 -13.07 13.74 -3.48
N ILE A 147 -14.31 14.18 -3.31
CA ILE A 147 -15.31 14.06 -4.36
C ILE A 147 -15.54 15.44 -4.93
N PHE A 148 -15.37 15.55 -6.24
CA PHE A 148 -15.54 16.80 -6.95
C PHE A 148 -16.93 16.68 -7.58
N CYS A 149 -17.82 17.61 -7.28
CA CYS A 149 -19.20 17.48 -7.78
C CYS A 149 -19.84 18.83 -8.00
N THR A 150 -21.04 18.80 -8.58
CA THR A 150 -21.84 20.03 -8.72
C THR A 150 -22.64 20.33 -7.44
N GLU A 151 -23.16 21.54 -7.34
CA GLU A 151 -24.08 21.88 -6.24
C GLU A 151 -25.26 20.90 -6.15
N GLU A 152 -25.80 20.52 -7.29
CA GLU A 152 -26.99 19.67 -7.37
C GLU A 152 -26.65 18.26 -6.88
N GLN A 153 -25.37 17.88 -6.93
CA GLN A 153 -24.94 16.54 -6.45
C GLN A 153 -24.52 16.42 -4.98
N ILE A 154 -24.44 17.55 -4.28
CA ILE A 154 -23.99 17.56 -2.87
C ILE A 154 -24.80 16.59 -2.02
N ARG A 155 -26.14 16.69 -2.09
CA ARG A 155 -26.98 15.83 -1.25
C ARG A 155 -26.68 14.35 -1.45
N ASP A 156 -26.65 13.90 -2.71
CA ASP A 156 -26.44 12.48 -3.01
C ASP A 156 -25.02 12.05 -2.60
N GLU A 157 -24.05 12.92 -2.86
CA GLU A 157 -22.66 12.54 -2.53
C GLU A 157 -22.34 12.54 -1.05
N VAL A 158 -22.88 13.52 -0.29
CA VAL A 158 -22.73 13.51 1.18
C VAL A 158 -23.46 12.25 1.72
N ASN A 159 -24.66 11.98 1.20
CA ASN A 159 -25.40 10.78 1.61
C ASN A 159 -24.62 9.53 1.35
N GLY A 160 -23.96 9.43 0.19
CA GLY A 160 -23.09 8.28 -0.12
C GLY A 160 -21.95 8.05 0.87
N CYS A 161 -21.31 9.14 1.30
CA CYS A 161 -20.24 9.06 2.26
C CYS A 161 -20.76 8.57 3.60
N ILE A 162 -21.89 9.12 4.02
CA ILE A 162 -22.53 8.71 5.28
C ILE A 162 -22.88 7.21 5.21
N ARG A 163 -23.41 6.77 4.07
CA ARG A 163 -23.81 5.37 3.94
C ARG A 163 -22.58 4.48 4.07
N LEU A 164 -21.49 4.93 3.46
CA LEU A 164 -20.24 4.18 3.44
C LEU A 164 -19.65 4.01 4.87
N VAL A 165 -19.76 5.06 5.69
CA VAL A 165 -19.33 5.00 7.12
C VAL A 165 -20.05 3.90 7.85
N TYR A 166 -21.38 3.92 7.85
CA TYR A 166 -22.15 2.87 8.54
C TYR A 166 -21.93 1.49 7.95
N ASP A 167 -21.80 1.40 6.62
CA ASP A 167 -21.59 0.11 5.95
C ASP A 167 -20.23 -0.47 6.43
N MET A 168 -19.16 0.32 6.34
CA MET A 168 -17.85 -0.16 6.81
C MET A 168 -17.78 -0.43 8.31
N TYR A 169 -18.38 0.43 9.11
CA TYR A 169 -18.31 0.26 10.56
C TYR A 169 -19.13 -0.99 10.98
N SER A 170 -20.18 -1.32 10.22
CA SER A 170 -20.97 -2.52 10.59
C SER A 170 -20.13 -3.82 10.52
N THR A 171 -19.15 -3.88 9.63
CA THR A 171 -18.23 -5.05 9.57
C THR A 171 -17.58 -5.31 10.94
N PHE A 172 -17.32 -4.24 11.70
CA PHE A 172 -16.65 -4.31 13.04
C PHE A 172 -17.64 -4.38 14.20
N GLY A 173 -18.92 -4.33 13.89
CA GLY A 173 -19.98 -4.33 14.90
C GLY A 173 -20.22 -2.98 15.55
N PHE A 174 -19.72 -1.91 14.94
CA PHE A 174 -20.00 -0.58 15.42
C PHE A 174 -21.27 -0.08 14.70
N GLU A 175 -22.38 -0.01 15.42
CA GLU A 175 -23.64 0.51 14.85
C GLU A 175 -24.21 1.75 15.54
N LYS A 176 -24.07 1.83 16.86
CA LYS A 176 -24.51 3.03 17.60
C LYS A 176 -23.36 4.04 17.59
N ILE A 177 -23.25 4.86 16.55
CA ILE A 177 -22.11 5.78 16.43
C ILE A 177 -22.44 7.18 16.93
N VAL A 178 -21.55 7.76 17.72
CA VAL A 178 -21.70 9.14 18.21
C VAL A 178 -21.27 10.14 17.10
N VAL A 179 -22.18 11.04 16.75
CA VAL A 179 -21.98 11.92 15.62
C VAL A 179 -22.03 13.38 16.07
N LYS A 180 -21.08 14.17 15.56
CA LYS A 180 -21.01 15.62 15.83
C LYS A 180 -20.99 16.37 14.50
N LEU A 181 -21.51 17.60 14.51
CA LEU A 181 -21.33 18.52 13.39
C LEU A 181 -20.50 19.70 13.90
N SER A 182 -19.25 19.75 13.42
CA SER A 182 -18.27 20.73 13.85
C SER A 182 -18.33 21.99 12.95
N THR A 183 -18.67 23.11 13.55
CA THR A 183 -19.01 24.30 12.79
C THR A 183 -17.81 25.26 12.71
N ARG A 184 -18.00 26.39 12.00
CA ARG A 184 -16.92 27.32 11.65
C ARG A 184 -15.98 27.67 12.81
N PRO A 185 -14.66 27.42 12.61
CA PRO A 185 -13.66 27.77 13.64
C PRO A 185 -13.32 29.24 13.53
N GLU A 186 -12.66 29.81 14.54
CA GLU A 186 -12.34 31.24 14.51
C GLU A 186 -11.44 31.65 13.36
N LYS A 187 -10.43 30.83 13.05
CA LYS A 187 -9.59 31.09 11.89
C LYS A 187 -10.06 30.23 10.72
N ARG A 188 -10.59 30.91 9.69
CA ARG A 188 -11.22 30.23 8.58
C ARG A 188 -11.11 31.06 7.32
N ILE A 189 -11.31 30.40 6.19
CA ILE A 189 -11.47 31.10 4.91
C ILE A 189 -12.89 30.87 4.39
N GLY A 190 -13.35 31.74 3.48
CA GLY A 190 -14.71 31.67 2.96
C GLY A 190 -15.66 32.60 3.70
N SER A 191 -16.72 33.02 3.01
CA SER A 191 -17.61 34.01 3.59
C SER A 191 -18.59 33.35 4.58
N ASP A 192 -19.24 34.18 5.38
CA ASP A 192 -20.27 33.67 6.31
C ASP A 192 -21.38 32.96 5.56
N GLU A 193 -21.75 33.49 4.40
CA GLU A 193 -22.81 32.91 3.60
C GLU A 193 -22.44 31.52 3.11
N MET A 194 -21.18 31.36 2.71
CA MET A 194 -20.70 30.06 2.30
C MET A 194 -20.72 29.08 3.48
N TRP A 195 -20.30 29.51 4.67
CA TRP A 195 -20.37 28.67 5.84
C TRP A 195 -21.79 28.32 6.27
N ASP A 196 -22.70 29.28 6.22
CA ASP A 196 -24.09 28.97 6.56
C ASP A 196 -24.61 27.86 5.66
N ARG A 197 -24.30 27.95 4.36
CA ARG A 197 -24.78 26.96 3.39
C ARG A 197 -24.20 25.54 3.65
N ALA A 198 -22.87 25.50 3.86
CA ALA A 198 -22.17 24.23 4.04
C ALA A 198 -22.60 23.59 5.33
N GLU A 199 -22.74 24.38 6.39
CA GLU A 199 -23.25 23.85 7.64
C GLU A 199 -24.68 23.32 7.55
N ALA A 200 -25.56 24.02 6.84
CA ALA A 200 -26.95 23.57 6.68
C ALA A 200 -26.95 22.29 5.86
N ASP A 201 -26.15 22.26 4.78
CA ASP A 201 -26.12 21.07 3.94
C ASP A 201 -25.75 19.84 4.74
N LEU A 202 -24.75 19.93 5.62
CA LEU A 202 -24.36 18.74 6.39
C LEU A 202 -25.42 18.37 7.42
N ALA A 203 -26.03 19.37 8.06
CA ALA A 203 -27.05 19.12 9.07
C ALA A 203 -28.27 18.47 8.42
N VAL A 204 -28.66 18.95 7.23
CA VAL A 204 -29.79 18.35 6.51
C VAL A 204 -29.51 16.91 6.11
N ALA A 205 -28.28 16.62 5.68
CA ALA A 205 -27.94 15.24 5.37
C ALA A 205 -28.05 14.32 6.58
N LEU A 206 -27.52 14.74 7.72
CA LEU A 206 -27.63 13.93 8.91
C LEU A 206 -29.11 13.71 9.27
N GLU A 207 -29.90 14.79 9.24
CA GLU A 207 -31.32 14.72 9.54
C GLU A 207 -32.06 13.76 8.59
N GLU A 208 -31.79 13.87 7.30
CA GLU A 208 -32.38 13.00 6.26
C GLU A 208 -32.04 11.52 6.48
N ASN A 209 -30.86 11.26 7.00
CA ASN A 209 -30.49 9.89 7.33
C ASN A 209 -30.95 9.44 8.72
N ASN A 210 -31.77 10.26 9.40
CA ASN A 210 -32.22 9.98 10.78
C ASN A 210 -31.10 9.73 11.78
N ILE A 211 -30.01 10.51 11.66
CA ILE A 211 -28.89 10.34 12.54
C ILE A 211 -28.95 11.46 13.60
N PRO A 212 -29.05 11.10 14.88
CA PRO A 212 -28.97 12.09 15.95
C PRO A 212 -27.55 12.62 16.08
N PHE A 213 -27.39 13.92 16.27
CA PHE A 213 -26.06 14.49 16.41
C PHE A 213 -26.10 15.67 17.36
N GLU A 214 -24.92 16.17 17.73
CA GLU A 214 -24.78 17.42 18.45
C GLU A 214 -23.88 18.34 17.64
N TYR A 215 -24.07 19.66 17.77
CA TYR A 215 -23.10 20.60 17.22
C TYR A 215 -21.86 20.60 18.10
N GLN A 216 -20.70 20.90 17.51
CA GLN A 216 -19.47 21.12 18.26
C GLN A 216 -18.98 22.46 17.73
N LEU A 217 -19.22 23.51 18.51
CA LEU A 217 -18.99 24.87 18.04
C LEU A 217 -17.51 25.13 17.85
N GLY A 218 -17.16 25.73 16.72
CA GLY A 218 -15.81 26.20 16.51
C GLY A 218 -14.78 25.12 16.19
N GLU A 219 -15.23 23.87 15.93
CA GLU A 219 -14.28 22.76 15.68
C GLU A 219 -14.13 22.31 14.22
N GLY A 220 -14.77 23.04 13.32
CA GLY A 220 -14.63 22.76 11.88
C GLY A 220 -13.22 22.99 11.36
N ALA A 221 -12.97 22.52 10.13
CA ALA A 221 -11.68 22.71 9.46
C ALA A 221 -11.62 24.16 9.00
N PHE A 222 -10.42 24.68 8.76
CA PHE A 222 -10.34 26.09 8.29
C PHE A 222 -11.11 26.34 6.98
N TYR A 223 -11.23 25.28 6.17
CA TYR A 223 -11.86 25.34 4.82
C TYR A 223 -13.32 24.85 4.79
N GLY A 224 -13.83 24.33 5.91
CA GLY A 224 -15.22 23.82 5.87
C GLY A 224 -15.68 23.07 7.10
N PRO A 225 -17.00 22.93 7.26
CA PRO A 225 -17.47 22.24 8.45
C PRO A 225 -17.28 20.72 8.28
N LYS A 226 -17.36 19.94 9.36
CA LYS A 226 -17.00 18.52 9.38
C LYS A 226 -18.12 17.76 10.09
N ILE A 227 -18.70 16.73 9.53
CA ILE A 227 -19.39 15.74 10.35
C ILE A 227 -18.27 14.88 10.93
N GLU A 228 -18.30 14.59 12.23
CA GLU A 228 -17.35 13.67 12.90
C GLU A 228 -18.06 12.42 13.43
N PHE A 229 -17.52 11.26 13.06
CA PHE A 229 -17.93 9.99 13.63
C PHE A 229 -16.90 9.56 14.66
N THR A 230 -17.33 9.52 15.93
CA THR A 230 -16.45 9.33 17.07
C THR A 230 -16.43 7.85 17.42
N LEU A 231 -15.26 7.27 17.65
CA LEU A 231 -15.20 5.96 18.32
C LEU A 231 -14.45 6.10 19.66
N TYR A 232 -14.70 5.18 20.60
CA TYR A 232 -14.16 5.29 21.96
C TYR A 232 -13.10 4.26 22.25
N ASP A 233 -12.08 4.67 23.00
CA ASP A 233 -11.03 3.73 23.42
C ASP A 233 -11.37 3.10 24.80
N CYS A 234 -10.42 2.38 25.40
CA CYS A 234 -10.70 1.65 26.65
C CYS A 234 -11.05 2.52 27.86
N LEU A 235 -10.66 3.78 27.80
CA LEU A 235 -10.95 4.73 28.87
C LEU A 235 -12.09 5.65 28.46
N ASP A 236 -12.81 5.25 27.41
CA ASP A 236 -13.93 6.05 26.86
C ASP A 236 -13.55 7.46 26.36
N ARG A 237 -12.30 7.63 25.96
CA ARG A 237 -11.89 8.90 25.35
C ARG A 237 -12.41 8.91 23.93
N ALA A 238 -12.86 10.08 23.50
CA ALA A 238 -13.48 10.26 22.19
C ALA A 238 -12.40 10.46 21.13
N TRP A 239 -12.39 9.61 20.11
CA TRP A 239 -11.44 9.78 18.98
C TRP A 239 -12.17 10.00 17.68
N GLN A 240 -11.85 11.09 16.99
CA GLN A 240 -12.44 11.30 15.67
C GLN A 240 -11.92 10.24 14.69
N CYS A 241 -12.84 9.51 14.08
CA CYS A 241 -12.45 8.50 13.10
C CYS A 241 -13.02 8.89 11.74
N GLY A 242 -14.24 8.48 11.44
CA GLY A 242 -14.90 8.97 10.23
C GLY A 242 -15.13 10.48 10.22
N THR A 243 -15.02 11.07 9.04
CA THR A 243 -15.31 12.51 8.90
C THR A 243 -15.75 12.79 7.49
N VAL A 244 -16.76 13.66 7.35
CA VAL A 244 -17.29 14.06 6.02
C VAL A 244 -17.37 15.59 6.04
N GLN A 245 -16.78 16.25 5.07
CA GLN A 245 -16.58 17.71 5.18
C GLN A 245 -16.96 18.33 3.82
N LEU A 246 -17.45 19.57 3.84
CA LEU A 246 -17.97 20.17 2.65
C LEU A 246 -17.18 21.44 2.41
N ASP A 247 -16.59 21.58 1.22
CA ASP A 247 -15.58 22.61 0.99
C ASP A 247 -15.94 23.41 -0.29
N PHE A 248 -16.35 24.65 -0.07
CA PHE A 248 -16.62 25.60 -1.16
C PHE A 248 -15.44 26.56 -1.35
N SER A 249 -14.28 26.26 -0.80
CA SER A 249 -13.17 27.25 -0.80
C SER A 249 -11.88 26.80 -1.49
N LEU A 250 -11.43 25.57 -1.18
CA LEU A 250 -10.12 25.13 -1.74
C LEU A 250 -10.10 25.05 -3.27
N PRO A 251 -11.15 24.49 -3.90
CA PRO A 251 -11.10 24.38 -5.36
C PRO A 251 -10.83 25.72 -6.07
N SER A 252 -11.57 26.74 -5.65
CA SER A 252 -11.38 28.08 -6.16
C SER A 252 -9.97 28.65 -5.92
N ARG A 253 -9.48 28.52 -4.70
CA ARG A 253 -8.10 28.92 -4.40
C ARG A 253 -7.04 28.24 -5.28
N LEU A 254 -7.32 27.01 -5.71
CA LEU A 254 -6.36 26.27 -6.55
C LEU A 254 -6.78 26.25 -8.03
N SER A 255 -7.66 27.17 -8.43
CA SER A 255 -8.07 27.32 -9.84
C SER A 255 -8.69 26.10 -10.47
N ALA A 256 -9.43 25.32 -9.70
CA ALA A 256 -10.15 24.15 -10.24
C ALA A 256 -11.40 24.61 -10.95
N SER A 257 -11.66 24.06 -12.14
CA SER A 257 -12.91 24.40 -12.83
C SER A 257 -13.35 23.23 -13.73
N TYR A 258 -14.60 23.28 -14.21
CA TYR A 258 -15.09 22.34 -15.22
C TYR A 258 -16.09 23.11 -16.09
N VAL A 259 -16.33 22.58 -17.27
CA VAL A 259 -17.28 23.15 -18.22
C VAL A 259 -18.65 22.58 -17.93
N GLY A 260 -19.58 23.47 -17.62
CA GLY A 260 -20.93 23.11 -17.27
C GLY A 260 -21.77 22.81 -18.51
N GLU A 261 -23.05 22.55 -18.29
CA GLU A 261 -23.94 22.11 -19.36
C GLU A 261 -24.19 23.20 -20.37
N ASP A 262 -24.03 24.46 -19.98
CA ASP A 262 -24.24 25.60 -20.89
C ASP A 262 -22.91 26.11 -21.42
N ASN A 263 -21.90 25.27 -21.31
CA ASN A 263 -20.55 25.62 -21.71
C ASN A 263 -19.90 26.77 -20.92
N GLU A 264 -20.51 27.10 -19.78
CA GLU A 264 -19.96 28.04 -18.83
C GLU A 264 -18.90 27.37 -17.91
N ARG A 265 -17.91 28.14 -17.49
CA ARG A 265 -16.87 27.69 -16.55
C ARG A 265 -17.43 27.68 -15.13
N LYS A 266 -17.32 26.54 -14.45
CA LYS A 266 -17.83 26.40 -13.09
C LYS A 266 -16.75 25.88 -12.12
N VAL A 267 -16.85 26.22 -10.85
CA VAL A 267 -15.91 25.68 -9.87
C VAL A 267 -16.58 24.45 -9.18
N PRO A 268 -15.91 23.30 -9.13
CA PRO A 268 -16.55 22.15 -8.47
C PRO A 268 -16.63 22.33 -6.96
N VAL A 269 -17.68 21.77 -6.36
CA VAL A 269 -17.73 21.59 -4.90
C VAL A 269 -16.78 20.46 -4.56
N MET A 270 -16.15 20.49 -3.39
CA MET A 270 -15.36 19.37 -2.97
C MET A 270 -15.81 18.84 -1.61
N ILE A 271 -16.11 17.56 -1.58
CA ILE A 271 -16.40 16.86 -0.33
C ILE A 271 -15.15 16.10 0.08
N HIS A 272 -14.67 16.28 1.31
CA HIS A 272 -13.54 15.51 1.83
C HIS A 272 -14.11 14.43 2.72
N ARG A 273 -13.58 13.22 2.70
CA ARG A 273 -14.00 12.28 3.72
C ARG A 273 -12.95 11.23 3.99
N ALA A 274 -12.90 10.75 5.24
CA ALA A 274 -12.11 9.56 5.60
C ALA A 274 -13.10 8.68 6.33
N ILE A 275 -13.04 7.36 6.14
CA ILE A 275 -14.07 6.51 6.77
C ILE A 275 -13.48 5.94 8.05
N LEU A 276 -12.32 5.27 7.94
CA LEU A 276 -11.62 4.75 9.11
C LEU A 276 -10.96 5.91 9.87
N GLY A 277 -10.51 6.94 9.15
CA GLY A 277 -9.88 8.10 9.77
C GLY A 277 -8.42 8.06 9.43
N SER A 278 -7.61 7.45 10.30
CA SER A 278 -6.32 6.96 9.84
C SER A 278 -6.22 5.48 10.15
N MET A 279 -5.37 4.77 9.39
CA MET A 279 -5.15 3.35 9.61
C MET A 279 -4.58 3.17 11.02
N GLU A 280 -3.64 4.05 11.41
CA GLU A 280 -2.99 3.93 12.71
C GLU A 280 -4.03 4.06 13.84
N ARG A 281 -4.82 5.14 13.79
CA ARG A 281 -5.81 5.39 14.84
C ARG A 281 -6.85 4.27 14.88
N PHE A 282 -7.32 3.87 13.68
CA PHE A 282 -8.34 2.83 13.62
C PHE A 282 -7.81 1.51 14.16
N ILE A 283 -6.57 1.14 13.82
CA ILE A 283 -5.98 -0.05 14.40
C ILE A 283 -5.87 0.08 15.94
N GLY A 284 -5.48 1.22 16.45
CA GLY A 284 -5.40 1.40 17.90
C GLY A 284 -6.79 1.17 18.52
N ILE A 285 -7.83 1.76 17.92
CA ILE A 285 -9.23 1.54 18.38
C ILE A 285 -9.62 0.06 18.36
N LEU A 286 -9.37 -0.62 17.24
CA LEU A 286 -9.75 -2.05 17.15
C LEU A 286 -9.02 -2.86 18.21
N THR A 287 -7.74 -2.57 18.36
CA THR A 287 -6.89 -3.29 19.30
C THR A 287 -7.48 -3.23 20.72
N GLU A 288 -7.85 -2.02 21.15
CA GLU A 288 -8.46 -1.86 22.48
C GLU A 288 -9.86 -2.44 22.56
N GLU A 289 -10.67 -2.20 21.55
CA GLU A 289 -12.07 -2.66 21.57
C GLU A 289 -12.16 -4.19 21.68
N PHE A 290 -11.28 -4.90 20.94
CA PHE A 290 -11.27 -6.35 20.91
C PHE A 290 -10.28 -6.96 21.84
N ALA A 291 -9.55 -6.12 22.59
CA ALA A 291 -8.51 -6.53 23.51
C ALA A 291 -7.54 -7.47 22.81
N GLY A 292 -7.23 -7.16 21.53
CA GLY A 292 -6.31 -7.95 20.74
C GLY A 292 -6.92 -9.20 20.08
N PHE A 293 -8.17 -9.54 20.39
CA PHE A 293 -8.85 -10.66 19.71
C PHE A 293 -9.35 -10.17 18.33
N PHE A 294 -8.44 -9.93 17.41
CA PHE A 294 -8.86 -9.46 16.10
C PHE A 294 -9.68 -10.54 15.41
N PRO A 295 -10.70 -10.14 14.64
CA PRO A 295 -11.51 -11.02 13.81
C PRO A 295 -10.54 -11.82 12.95
N THR A 296 -10.90 -13.06 12.60
CA THR A 296 -9.98 -13.95 11.89
C THR A 296 -9.41 -13.29 10.61
N TRP A 297 -10.23 -12.58 9.85
CA TRP A 297 -9.72 -11.94 8.62
C TRP A 297 -8.59 -10.98 8.86
N LEU A 298 -8.56 -10.36 10.04
CA LEU A 298 -7.51 -9.41 10.42
C LEU A 298 -6.34 -10.00 11.22
N ALA A 299 -6.52 -11.18 11.81
CA ALA A 299 -5.53 -11.79 12.71
C ALA A 299 -4.22 -11.96 11.96
N PRO A 300 -3.11 -11.44 12.54
CA PRO A 300 -1.82 -11.62 11.84
C PRO A 300 -1.50 -13.08 11.58
N VAL A 301 -1.70 -13.95 12.59
CA VAL A 301 -1.57 -15.39 12.43
C VAL A 301 -2.95 -15.96 12.74
N GLN A 302 -3.55 -16.61 11.75
CA GLN A 302 -4.92 -17.14 11.83
C GLN A 302 -4.97 -18.52 12.51
N VAL A 303 -3.97 -19.33 12.24
CA VAL A 303 -3.93 -20.72 12.72
C VAL A 303 -2.52 -21.09 13.14
N VAL A 304 -2.41 -21.77 14.28
CA VAL A 304 -1.16 -22.42 14.66
C VAL A 304 -1.41 -23.93 14.71
N ILE A 305 -0.56 -24.70 14.04
CA ILE A 305 -0.67 -26.16 14.07
C ILE A 305 0.50 -26.68 14.94
N MET A 306 0.20 -27.54 15.92
CA MET A 306 1.22 -27.94 16.86
C MET A 306 1.29 -29.48 17.03
N ASN A 307 2.50 -29.96 17.29
CA ASN A 307 2.70 -31.40 17.60
C ASN A 307 2.72 -31.64 19.11
N ILE A 308 2.51 -32.90 19.51
CA ILE A 308 2.79 -33.32 20.89
C ILE A 308 4.26 -33.69 20.97
N THR A 309 4.68 -34.63 20.13
CA THR A 309 6.05 -35.10 20.12
C THR A 309 6.62 -34.97 18.69
N ASP A 310 7.92 -35.21 18.55
CA ASP A 310 8.60 -35.29 17.25
C ASP A 310 7.91 -36.22 16.25
N SER A 311 7.24 -37.23 16.77
CA SER A 311 6.46 -38.20 16.01
C SER A 311 5.49 -37.52 15.00
N GLN A 312 4.90 -36.37 15.37
CA GLN A 312 3.94 -35.70 14.48
C GLN A 312 4.50 -34.53 13.67
N SER A 313 5.78 -34.20 13.82
CA SER A 313 6.42 -33.10 13.09
C SER A 313 6.15 -33.15 11.57
N GLU A 314 6.31 -34.33 10.97
CA GLU A 314 6.09 -34.46 9.53
C GLU A 314 4.65 -34.11 9.14
N TYR A 315 3.69 -34.60 9.91
CA TYR A 315 2.26 -34.33 9.70
C TYR A 315 1.88 -32.82 9.81
N VAL A 316 2.31 -32.20 10.91
CA VAL A 316 2.13 -30.75 11.11
C VAL A 316 2.68 -29.95 9.91
N ASN A 317 3.86 -30.35 9.42
CA ASN A 317 4.50 -29.66 8.29
C ASN A 317 3.68 -29.75 7.01
N GLU A 318 3.15 -30.95 6.72
CA GLU A 318 2.23 -31.14 5.58
C GLU A 318 0.98 -30.27 5.69
N LEU A 319 0.36 -30.27 6.86
CA LEU A 319 -0.82 -29.45 7.12
C LEU A 319 -0.57 -27.95 7.02
N THR A 320 0.57 -27.50 7.54
CA THR A 320 0.94 -26.08 7.46
C THR A 320 1.07 -25.66 5.99
N GLN A 321 1.73 -26.51 5.20
CA GLN A 321 1.87 -26.26 3.79
C GLN A 321 0.49 -26.22 3.12
N LYS A 322 -0.35 -27.19 3.44
CA LYS A 322 -1.69 -27.25 2.87
C LYS A 322 -2.54 -26.01 3.21
N LEU A 323 -2.58 -25.63 4.49
CA LEU A 323 -3.32 -24.42 4.87
C LEU A 323 -2.75 -23.14 4.23
N SER A 324 -1.43 -23.07 4.15
CA SER A 324 -0.77 -21.96 3.49
C SER A 324 -1.16 -21.87 1.99
N ASN A 325 -1.17 -22.99 1.27
CA ASN A 325 -1.60 -22.97 -0.14
C ASN A 325 -3.08 -22.54 -0.26
N ALA A 326 -3.87 -22.86 0.78
CA ALA A 326 -5.28 -22.47 0.82
C ALA A 326 -5.46 -20.99 1.22
N GLY A 327 -4.35 -20.27 1.36
CA GLY A 327 -4.39 -18.84 1.57
C GLY A 327 -4.55 -18.42 3.01
N ILE A 328 -4.39 -19.35 3.95
CA ILE A 328 -4.57 -19.07 5.38
C ILE A 328 -3.20 -18.68 5.98
N ARG A 329 -3.19 -17.67 6.84
CA ARG A 329 -1.97 -17.31 7.58
C ARG A 329 -1.74 -18.31 8.70
N VAL A 330 -0.82 -19.25 8.48
CA VAL A 330 -0.62 -20.40 9.38
C VAL A 330 0.86 -20.56 9.81
N LYS A 331 1.07 -20.96 11.06
CA LYS A 331 2.41 -21.23 11.57
C LYS A 331 2.44 -22.58 12.28
N ALA A 332 3.55 -23.30 12.14
CA ALA A 332 3.77 -24.55 12.89
C ALA A 332 4.46 -24.27 14.22
N ASP A 333 4.10 -25.00 15.26
CA ASP A 333 4.81 -24.89 16.54
C ASP A 333 5.32 -26.29 16.89
N LEU A 334 6.60 -26.55 16.61
CA LEU A 334 7.15 -27.90 16.71
C LEU A 334 7.91 -28.13 18.02
N ARG A 335 7.88 -27.13 18.89
CA ARG A 335 8.69 -27.12 20.10
C ARG A 335 8.42 -28.29 21.05
N ASN A 336 9.46 -28.72 21.77
CA ASN A 336 9.26 -29.72 22.82
C ASN A 336 8.68 -29.06 24.06
N GLU A 337 7.38 -28.79 24.01
CA GLU A 337 6.67 -28.18 25.14
C GLU A 337 5.35 -28.87 25.27
N LYS A 338 4.82 -28.91 26.48
CA LYS A 338 3.51 -29.48 26.69
C LYS A 338 2.45 -28.73 25.88
N ILE A 339 1.46 -29.48 25.42
CA ILE A 339 0.31 -28.92 24.71
C ILE A 339 -0.33 -27.69 25.42
N GLY A 340 -0.61 -27.79 26.72
CA GLY A 340 -1.15 -26.65 27.48
C GLY A 340 -0.27 -25.41 27.44
N PHE A 341 1.05 -25.60 27.46
CA PHE A 341 2.02 -24.50 27.41
C PHE A 341 1.91 -23.79 26.07
N LYS A 342 1.81 -24.58 25.00
CA LYS A 342 1.70 -24.02 23.65
C LYS A 342 0.42 -23.22 23.54
N ILE A 343 -0.67 -23.80 24.03
CA ILE A 343 -1.97 -23.18 23.91
C ILE A 343 -2.03 -21.84 24.64
N ARG A 344 -1.51 -21.81 25.88
CA ARG A 344 -1.43 -20.56 26.60
C ARG A 344 -0.64 -19.48 25.81
N GLU A 345 0.50 -19.85 25.27
CA GLU A 345 1.30 -18.91 24.51
C GLU A 345 0.55 -18.33 23.33
N HIS A 346 -0.08 -19.20 22.54
CA HIS A 346 -0.73 -18.74 21.31
C HIS A 346 -2.05 -18.07 21.60
N THR A 347 -2.59 -18.34 22.79
CA THR A 347 -3.70 -17.55 23.31
C THR A 347 -3.27 -16.13 23.65
N LEU A 348 -2.13 -15.96 24.32
CA LEU A 348 -1.60 -14.61 24.57
C LEU A 348 -1.31 -13.88 23.23
N ARG A 349 -0.90 -14.65 22.24
CA ARG A 349 -0.69 -14.15 20.90
C ARG A 349 -2.00 -13.97 20.13
N ARG A 350 -3.13 -14.32 20.76
CA ARG A 350 -4.47 -14.09 20.15
C ARG A 350 -4.69 -14.80 18.80
N VAL A 351 -4.09 -15.97 18.64
CA VAL A 351 -4.30 -16.77 17.43
C VAL A 351 -5.71 -17.40 17.47
N PRO A 352 -6.56 -17.10 16.47
CA PRO A 352 -7.94 -17.66 16.50
C PRO A 352 -8.02 -19.16 16.77
N TYR A 353 -7.26 -19.95 16.03
CA TYR A 353 -7.42 -21.41 16.05
C TYR A 353 -6.09 -22.08 16.24
N MET A 354 -6.12 -23.10 17.10
CA MET A 354 -4.98 -23.93 17.36
C MET A 354 -5.34 -25.39 17.04
N LEU A 355 -4.58 -26.01 16.14
CA LEU A 355 -4.84 -27.37 15.66
C LEU A 355 -3.81 -28.28 16.30
N VAL A 356 -4.28 -29.13 17.21
CA VAL A 356 -3.44 -30.05 17.98
C VAL A 356 -3.35 -31.39 17.23
N CYS A 357 -2.13 -31.87 17.02
CA CYS A 357 -1.92 -33.10 16.28
C CYS A 357 -1.19 -34.13 17.15
N GLY A 358 -1.97 -35.07 17.68
CA GLY A 358 -1.41 -36.23 18.39
C GLY A 358 -1.37 -37.42 17.42
N ASP A 359 -1.08 -38.60 17.95
CA ASP A 359 -0.96 -39.81 17.12
C ASP A 359 -2.26 -40.14 16.39
N LYS A 360 -3.38 -40.05 17.10
CA LYS A 360 -4.68 -40.35 16.49
C LYS A 360 -5.02 -39.42 15.33
N GLU A 361 -4.64 -38.15 15.48
CA GLU A 361 -4.78 -37.16 14.40
C GLU A 361 -3.98 -37.52 13.14
N VAL A 362 -2.72 -37.93 13.33
CA VAL A 362 -1.90 -38.41 12.20
C VAL A 362 -2.55 -39.62 11.52
N GLU A 363 -3.10 -40.55 12.33
CA GLU A 363 -3.79 -41.76 11.82
C GLU A 363 -4.98 -41.42 10.92
N SER A 364 -5.91 -40.64 11.48
CA SER A 364 -7.21 -40.40 10.86
C SER A 364 -7.19 -39.26 9.86
N GLY A 365 -6.03 -38.60 9.73
CA GLY A 365 -5.90 -37.40 8.88
C GLY A 365 -6.78 -36.24 9.36
N LYS A 366 -7.00 -36.18 10.67
CA LYS A 366 -7.82 -35.14 11.28
C LYS A 366 -6.98 -34.15 12.12
N VAL A 367 -7.63 -33.18 12.77
CA VAL A 367 -6.97 -32.25 13.70
C VAL A 367 -7.86 -31.99 14.91
N ALA A 368 -7.29 -31.89 16.11
CA ALA A 368 -8.07 -31.47 17.29
C ALA A 368 -8.03 -29.95 17.40
N VAL A 369 -9.19 -29.31 17.42
CA VAL A 369 -9.29 -27.86 17.25
C VAL A 369 -9.56 -27.18 18.58
N ARG A 370 -8.73 -26.18 18.92
CA ARG A 370 -8.97 -25.32 20.08
C ARG A 370 -9.05 -23.89 19.61
N THR A 371 -9.68 -23.05 20.41
CA THR A 371 -9.73 -21.63 20.10
C THR A 371 -9.01 -20.85 21.20
N ARG A 372 -8.62 -19.65 20.85
CA ARG A 372 -8.09 -18.64 21.79
C ARG A 372 -9.08 -18.12 22.84
N ARG A 373 -10.34 -18.57 22.79
CA ARG A 373 -11.34 -18.25 23.82
C ARG A 373 -11.49 -19.39 24.81
N GLY A 374 -10.60 -20.38 24.70
CA GLY A 374 -10.60 -21.47 25.66
C GLY A 374 -11.49 -22.64 25.28
N LYS A 375 -12.01 -22.65 24.06
CA LYS A 375 -13.03 -23.64 23.68
C LYS A 375 -12.40 -24.80 22.93
N ASP A 376 -12.95 -26.01 23.16
CA ASP A 376 -12.50 -27.23 22.53
C ASP A 376 -13.59 -27.59 21.52
N LEU A 377 -13.25 -27.51 20.23
CA LEU A 377 -14.17 -27.81 19.15
C LEU A 377 -14.05 -29.25 18.60
N GLY A 378 -13.32 -30.11 19.33
CA GLY A 378 -13.20 -31.54 19.01
C GLY A 378 -12.28 -31.80 17.83
N SER A 379 -12.33 -32.99 17.24
CA SER A 379 -11.62 -33.14 15.98
C SER A 379 -12.50 -32.86 14.78
N MET A 380 -11.87 -32.37 13.72
CA MET A 380 -12.55 -32.06 12.47
C MET A 380 -11.62 -32.57 11.37
N ASP A 381 -12.19 -32.83 10.20
CA ASP A 381 -11.41 -33.11 9.01
C ASP A 381 -10.65 -31.88 8.60
N VAL A 382 -9.44 -32.08 8.08
CA VAL A 382 -8.60 -30.98 7.60
C VAL A 382 -9.35 -30.11 6.58
N ASN A 383 -10.00 -30.77 5.62
CA ASN A 383 -10.70 -30.05 4.54
C ASN A 383 -11.85 -29.22 5.08
N GLU A 384 -12.50 -29.73 6.11
CA GLU A 384 -13.60 -29.05 6.76
C GLU A 384 -13.10 -27.77 7.45
N VAL A 385 -11.99 -27.90 8.18
CA VAL A 385 -11.38 -26.77 8.86
C VAL A 385 -11.01 -25.69 7.82
N ILE A 386 -10.36 -26.11 6.74
CA ILE A 386 -9.99 -25.19 5.67
C ILE A 386 -11.21 -24.47 5.10
N GLU A 387 -12.27 -25.19 4.79
CA GLU A 387 -13.46 -24.56 4.22
C GLU A 387 -14.11 -23.59 5.20
N LYS A 388 -14.16 -23.98 6.46
CA LYS A 388 -14.77 -23.12 7.46
C LYS A 388 -13.93 -21.88 7.70
N LEU A 389 -12.61 -22.01 7.76
CA LEU A 389 -11.73 -20.83 7.88
C LEU A 389 -11.84 -19.91 6.65
N GLN A 390 -11.81 -20.48 5.46
CA GLN A 390 -11.94 -19.69 4.23
C GLN A 390 -13.24 -18.90 4.21
N GLN A 391 -14.33 -19.52 4.69
CA GLN A 391 -15.61 -18.81 4.74
C GLN A 391 -15.55 -17.71 5.78
N GLU A 392 -14.95 -17.98 6.93
CA GLU A 392 -14.84 -16.95 7.98
C GLU A 392 -14.03 -15.75 7.47
N ILE A 393 -13.01 -16.02 6.67
CA ILE A 393 -12.13 -15.00 6.11
C ILE A 393 -12.83 -14.21 5.01
N ARG A 394 -13.40 -14.93 4.06
CA ARG A 394 -14.00 -14.26 2.92
C ARG A 394 -15.19 -13.40 3.34
N SER A 395 -15.91 -13.83 4.39
CA SER A 395 -17.09 -13.07 4.81
C SER A 395 -16.70 -12.01 5.82
N ARG A 396 -15.41 -11.93 6.14
CA ARG A 396 -14.91 -11.00 7.19
C ARG A 396 -15.76 -11.07 8.47
N SER A 397 -16.03 -12.32 8.89
CA SER A 397 -16.93 -12.57 10.02
C SER A 397 -16.34 -12.07 11.32
N LEU A 398 -17.16 -11.39 12.10
CA LEU A 398 -16.77 -10.91 13.42
C LEU A 398 -16.59 -12.02 14.44
N LYS A 399 -17.24 -13.16 14.23
CA LYS A 399 -17.19 -14.21 15.22
C LYS A 399 -16.77 -15.55 14.65
N GLN A 400 -16.33 -16.42 15.54
CA GLN A 400 -15.58 -17.61 15.25
C GLN A 400 -16.57 -18.79 15.14
N LEU A 401 -16.07 -19.96 14.73
CA LEU A 401 -16.88 -21.20 14.64
C LEU A 401 -17.52 -21.53 15.97
N GLU A 402 -18.85 -21.59 15.98
CA GLU A 402 -19.64 -22.06 17.13
C GLU A 402 -19.70 -21.05 18.27
N GLU A 403 -19.31 -19.81 17.99
CA GLU A 403 -19.22 -18.79 19.02
C GLU A 403 -20.35 -17.75 18.93
N LEU A 404 -20.94 -17.45 20.09
CA LEU A 404 -22.09 -16.56 20.22
C LEU A 404 -21.69 -15.08 20.16
N GLU A 405 -20.62 -14.74 20.88
CA GLU A 405 -20.21 -13.35 21.11
C GLU A 405 -18.68 -13.22 21.07
N HIS A 406 -18.16 -12.38 20.17
CA HIS A 406 -16.72 -12.10 20.13
C HIS A 406 -16.40 -11.19 21.29
N HIS A 407 -15.14 -11.16 21.69
CA HIS A 407 -14.69 -10.23 22.72
C HIS A 407 -14.79 -8.81 22.22
N HIS A 408 -15.59 -7.99 22.90
CA HIS A 408 -15.60 -6.56 22.63
C HIS A 408 -16.00 -5.79 23.85
N HIS A 409 -15.29 -4.70 24.11
CA HIS A 409 -15.47 -3.94 25.34
C HIS A 409 -16.83 -3.24 25.45
N HIS A 410 -17.30 -2.63 24.35
CA HIS A 410 -18.52 -1.82 24.41
C HIS A 410 -19.70 -2.58 23.91
N HIS A 411 -20.63 -2.90 24.82
CA HIS A 411 -21.90 -3.54 24.49
C HIS A 411 -23.01 -2.52 24.45
N ARG B 3 9.69 5.30 -28.66
CA ARG B 3 8.58 5.97 -27.92
C ARG B 3 8.84 6.20 -26.43
N ASP B 4 8.81 7.47 -26.05
CA ASP B 4 9.20 8.06 -24.78
C ASP B 4 8.09 7.83 -23.74
N HIS B 5 8.44 7.25 -22.58
CA HIS B 5 7.43 7.00 -21.50
C HIS B 5 6.71 8.25 -21.05
N ARG B 6 7.35 9.41 -21.20
CA ARG B 6 6.74 10.66 -20.76
C ARG B 6 5.57 11.10 -21.63
N LYS B 7 5.72 10.95 -22.94
CA LYS B 7 4.60 11.25 -23.85
C LYS B 7 3.51 10.17 -23.67
N ILE B 8 3.90 8.90 -23.60
CA ILE B 8 2.93 7.82 -23.38
C ILE B 8 2.17 8.00 -22.05
N GLY B 9 2.89 8.38 -21.00
CA GLY B 9 2.28 8.58 -19.68
C GLY B 9 1.26 9.71 -19.73
N LYS B 10 1.54 10.76 -20.51
CA LYS B 10 0.54 11.79 -20.72
C LYS B 10 -0.64 11.24 -21.51
N GLN B 11 -0.39 10.57 -22.64
CA GLN B 11 -1.49 10.05 -23.47
C GLN B 11 -2.40 9.04 -22.77
N LEU B 12 -1.86 8.26 -21.84
CA LEU B 12 -2.65 7.23 -21.21
C LEU B 12 -3.07 7.66 -19.79
N ASP B 13 -2.85 8.93 -19.50
CA ASP B 13 -3.26 9.54 -18.23
C ASP B 13 -2.70 8.76 -17.04
N LEU B 14 -1.42 8.40 -17.10
CA LEU B 14 -0.81 7.58 -16.04
C LEU B 14 -0.34 8.38 -14.83
N TYR B 15 0.23 9.56 -15.07
CA TYR B 15 0.88 10.33 -14.02
C TYR B 15 1.12 11.74 -14.59
N HIS B 16 1.48 12.67 -13.71
CA HIS B 16 2.06 13.94 -14.15
C HIS B 16 3.06 14.43 -13.15
N MET B 17 3.85 15.41 -13.56
CA MET B 17 4.69 16.15 -12.60
C MET B 17 4.48 17.65 -12.80
N GLN B 18 4.81 18.45 -11.80
CA GLN B 18 4.67 19.91 -11.92
C GLN B 18 5.90 20.60 -11.46
N GLU B 19 6.11 21.86 -11.82
CA GLU B 19 7.18 22.66 -11.15
C GLU B 19 6.98 23.03 -9.65
N GLU B 20 5.74 23.10 -9.15
CA GLU B 20 5.60 23.13 -7.68
C GLU B 20 6.11 21.87 -6.91
N ALA B 21 6.62 20.86 -7.63
CA ALA B 21 7.22 19.71 -6.99
C ALA B 21 8.17 18.94 -7.95
N PRO B 22 9.33 19.49 -8.25
CA PRO B 22 10.25 18.88 -9.24
C PRO B 22 10.63 17.44 -8.80
N GLY B 23 10.54 16.48 -9.72
CA GLY B 23 10.77 15.06 -9.40
C GLY B 23 9.81 14.42 -8.41
N MET B 24 8.66 15.04 -8.21
CA MET B 24 7.68 14.46 -7.28
C MET B 24 6.47 13.96 -8.09
N VAL B 25 6.20 12.66 -8.08
CA VAL B 25 5.27 12.07 -9.04
C VAL B 25 3.85 12.16 -8.48
N PHE B 26 2.90 12.51 -9.35
CA PHE B 26 1.49 12.39 -9.05
C PHE B 26 1.02 11.20 -9.88
N TRP B 27 0.74 10.09 -9.22
CA TRP B 27 0.15 8.94 -9.90
C TRP B 27 -1.34 9.12 -10.09
N HIS B 28 -1.80 9.19 -11.34
CA HIS B 28 -3.25 9.25 -11.59
C HIS B 28 -3.84 7.85 -11.43
N ASN B 29 -5.15 7.71 -11.51
CA ASN B 29 -5.78 6.41 -11.27
C ASN B 29 -5.10 5.30 -12.11
N ASP B 30 -4.97 5.55 -13.41
CA ASP B 30 -4.53 4.48 -14.29
C ASP B 30 -3.05 4.09 -14.07
N GLY B 31 -2.21 5.07 -13.76
CA GLY B 31 -0.79 4.79 -13.45
C GLY B 31 -0.69 4.03 -12.11
N TRP B 32 -1.48 4.47 -11.15
CA TRP B 32 -1.48 3.86 -9.82
C TRP B 32 -1.94 2.43 -9.89
N THR B 33 -2.89 2.13 -10.78
CA THR B 33 -3.31 0.72 -10.99
C THR B 33 -2.11 -0.18 -11.39
N ILE B 34 -1.28 0.33 -12.29
CA ILE B 34 -0.08 -0.40 -12.71
C ILE B 34 0.86 -0.59 -11.49
N PHE B 35 1.07 0.48 -10.74
CA PHE B 35 1.94 0.43 -9.54
C PHE B 35 1.40 -0.67 -8.58
N ARG B 36 0.09 -0.63 -8.33
CA ARG B 36 -0.53 -1.57 -7.40
C ARG B 36 -0.42 -3.02 -7.88
N GLU B 37 -0.64 -3.21 -9.18
CA GLU B 37 -0.46 -4.56 -9.75
C GLU B 37 0.98 -5.07 -9.60
N LEU B 38 1.98 -4.20 -9.81
CA LEU B 38 3.36 -4.59 -9.59
C LEU B 38 3.62 -4.97 -8.11
N GLU B 39 3.06 -4.19 -7.17
CA GLU B 39 3.08 -4.60 -5.74
C GLU B 39 2.49 -5.98 -5.49
N VAL B 40 1.34 -6.27 -6.11
CA VAL B 40 0.74 -7.61 -5.93
C VAL B 40 1.67 -8.72 -6.44
N PHE B 41 2.25 -8.49 -7.62
CA PHE B 41 3.21 -9.41 -8.22
C PHE B 41 4.43 -9.65 -7.32
N VAL B 42 5.05 -8.57 -6.87
CA VAL B 42 6.22 -8.66 -5.96
C VAL B 42 5.82 -9.45 -4.71
N ARG B 43 4.70 -9.08 -4.07
CA ARG B 43 4.22 -9.84 -2.88
C ARG B 43 4.05 -11.33 -3.12
N SER B 44 3.53 -11.69 -4.28
CA SER B 44 3.32 -13.10 -4.56
C SER B 44 4.66 -13.84 -4.67
N LYS B 45 5.67 -13.15 -5.19
CA LYS B 45 6.99 -13.74 -5.29
C LYS B 45 7.66 -13.79 -3.93
N LEU B 46 7.46 -12.78 -3.11
CA LEU B 46 8.09 -12.77 -1.79
C LEU B 46 7.45 -13.75 -0.82
N LYS B 47 6.16 -14.03 -1.03
CA LYS B 47 5.54 -15.14 -0.33
C LYS B 47 6.31 -16.47 -0.54
N GLU B 48 6.58 -16.86 -1.78
CA GLU B 48 7.28 -18.14 -1.98
C GLU B 48 8.66 -18.11 -1.42
N TYR B 49 9.35 -16.98 -1.57
CA TYR B 49 10.75 -16.88 -1.12
C TYR B 49 10.86 -16.56 0.38
N GLN B 50 9.72 -16.63 1.09
CA GLN B 50 9.53 -16.46 2.55
C GLN B 50 9.87 -15.12 3.30
N TYR B 51 9.72 -14.01 2.61
CA TYR B 51 10.05 -12.72 3.20
C TYR B 51 8.97 -12.20 4.17
N GLN B 52 9.38 -11.57 5.27
CA GLN B 52 8.46 -10.72 6.02
C GLN B 52 8.21 -9.45 5.21
N GLU B 53 7.15 -8.70 5.55
CA GLU B 53 6.98 -7.37 4.94
C GLU B 53 6.67 -6.37 6.06
N VAL B 54 7.43 -5.26 6.09
CA VAL B 54 7.34 -4.27 7.14
C VAL B 54 7.09 -2.87 6.55
N LYS B 55 6.99 -1.87 7.43
CA LYS B 55 6.96 -0.46 7.01
C LYS B 55 7.68 0.38 8.05
N GLY B 56 8.78 1.01 7.63
CA GLY B 56 9.59 1.84 8.52
C GLY B 56 9.18 3.32 8.40
N PRO B 57 9.52 4.13 9.40
CA PRO B 57 9.11 5.53 9.44
C PRO B 57 9.75 6.33 8.29
N PHE B 58 9.01 7.31 7.84
CA PHE B 58 9.43 8.23 6.82
C PHE B 58 10.66 9.10 7.23
N MET B 59 10.73 9.48 8.49
CA MET B 59 11.93 10.19 8.91
C MET B 59 12.40 9.69 10.24
N MET B 60 13.69 9.92 10.49
CA MET B 60 14.35 9.56 11.73
C MET B 60 15.36 10.64 12.11
N ASP B 61 15.74 10.64 13.39
CA ASP B 61 16.72 11.62 13.92
C ASP B 61 18.00 11.62 13.10
N ARG B 62 18.53 12.82 12.83
CA ARG B 62 19.81 12.98 12.15
C ARG B 62 20.91 12.13 12.82
N VAL B 63 20.81 11.97 14.13
CA VAL B 63 21.82 11.22 14.88
C VAL B 63 21.95 9.78 14.41
N LEU B 64 20.81 9.16 14.12
CA LEU B 64 20.79 7.84 13.58
C LEU B 64 21.55 7.76 12.22
N TRP B 65 21.30 8.73 11.34
CA TRP B 65 22.01 8.78 10.05
C TRP B 65 23.47 9.12 10.19
N GLU B 66 23.83 9.83 11.26
CA GLU B 66 25.27 10.02 11.61
C GLU B 66 25.93 8.70 11.98
N LYS B 67 25.27 7.88 12.79
CA LYS B 67 25.79 6.56 13.20
C LYS B 67 26.07 5.63 12.05
N THR B 68 25.18 5.61 11.06
CA THR B 68 25.32 4.66 9.97
C THR B 68 26.44 5.05 9.01
N GLY B 69 26.85 6.31 9.01
CA GLY B 69 27.75 6.77 7.97
C GLY B 69 27.02 7.50 6.86
N HIS B 70 25.67 7.52 6.87
CA HIS B 70 24.93 8.27 5.82
C HIS B 70 25.18 9.73 5.83
N TRP B 71 25.37 10.31 7.02
CA TRP B 71 25.55 11.74 7.10
C TRP B 71 26.86 12.15 6.46
N ASP B 72 27.93 11.44 6.77
CA ASP B 72 29.26 11.76 6.19
C ASP B 72 29.39 11.34 4.73
N ASN B 73 28.74 10.23 4.36
CA ASN B 73 28.89 9.69 2.98
C ASN B 73 27.69 9.91 2.09
N TYR B 74 26.64 10.54 2.59
CA TYR B 74 25.41 10.62 1.83
C TYR B 74 24.62 11.94 2.05
N LYS B 75 25.28 12.93 2.67
CA LYS B 75 24.62 14.13 3.17
C LYS B 75 23.84 14.90 2.11
N ASP B 76 24.46 15.11 0.95
CA ASP B 76 23.94 16.06 -0.05
C ASP B 76 22.65 15.57 -0.71
N ALA B 77 22.45 14.26 -0.67
CA ALA B 77 21.26 13.66 -1.21
C ALA B 77 20.06 13.72 -0.28
N MET B 78 20.25 14.08 0.98
CA MET B 78 19.20 13.91 1.99
C MET B 78 18.40 15.17 2.20
N PHE B 79 17.08 15.03 2.27
CA PHE B 79 16.23 16.12 2.73
C PHE B 79 16.20 16.09 4.25
N THR B 80 16.25 17.26 4.88
CA THR B 80 16.14 17.30 6.34
C THR B 80 15.00 18.21 6.77
N THR B 81 14.48 17.95 7.97
CA THR B 81 13.40 18.76 8.55
C THR B 81 13.58 18.80 10.08
N SER B 82 12.86 19.68 10.76
CA SER B 82 13.01 19.86 12.21
C SER B 82 11.69 19.82 12.94
N SER B 83 11.75 19.43 14.23
CA SER B 83 10.63 19.60 15.15
C SER B 83 11.22 19.72 16.54
N GLU B 84 10.78 20.75 17.28
CA GLU B 84 11.18 20.96 18.67
C GLU B 84 12.71 20.82 18.85
N ASN B 85 13.45 21.54 18.00
CA ASN B 85 14.91 21.69 18.09
C ASN B 85 15.71 20.44 17.79
N ARG B 86 15.08 19.47 17.12
CA ARG B 86 15.71 18.24 16.73
C ARG B 86 15.57 18.09 15.23
N GLU B 87 16.63 17.65 14.59
CA GLU B 87 16.69 17.58 13.17
C GLU B 87 16.46 16.11 12.72
N TYR B 88 15.70 15.95 11.64
CA TYR B 88 15.33 14.64 11.09
C TYR B 88 15.74 14.55 9.66
N CYS B 89 16.11 13.35 9.22
CA CYS B 89 16.34 13.13 7.81
C CYS B 89 15.14 12.38 7.25
N ILE B 90 14.64 12.84 6.12
CA ILE B 90 13.66 12.03 5.38
C ILE B 90 14.42 10.85 4.78
N LYS B 91 13.96 9.61 4.97
CA LYS B 91 14.87 8.49 4.64
C LYS B 91 15.19 8.41 3.15
N PRO B 92 16.48 8.25 2.79
CA PRO B 92 16.86 8.03 1.40
C PRO B 92 16.99 6.52 1.12
N MET B 93 16.94 5.72 2.17
CA MET B 93 17.10 4.26 2.14
C MET B 93 16.30 3.67 3.29
N ASN B 94 15.91 2.39 3.15
CA ASN B 94 15.12 1.72 4.16
C ASN B 94 15.93 0.91 5.15
N CYS B 95 17.21 0.69 4.86
CA CYS B 95 18.05 -0.27 5.60
C CYS B 95 18.11 0.07 7.12
N PRO B 96 18.40 1.34 7.47
CA PRO B 96 18.52 1.57 8.92
C PRO B 96 17.22 1.27 9.65
N GLY B 97 16.07 1.60 9.03
CA GLY B 97 14.78 1.24 9.64
C GLY B 97 14.60 -0.27 9.84
N HIS B 98 15.01 -1.05 8.83
CA HIS B 98 15.01 -2.50 8.96
C HIS B 98 15.88 -3.01 10.09
N VAL B 99 17.07 -2.44 10.25
CA VAL B 99 17.88 -2.87 11.41
C VAL B 99 17.19 -2.54 12.74
N GLN B 100 16.55 -1.38 12.81
CA GLN B 100 15.87 -1.00 14.02
C GLN B 100 14.80 -2.04 14.37
N ILE B 101 14.13 -2.56 13.36
CA ILE B 101 13.08 -3.55 13.57
C ILE B 101 13.72 -4.86 13.99
N PHE B 102 14.80 -5.26 13.29
CA PHE B 102 15.61 -6.46 13.70
C PHE B 102 16.04 -6.40 15.16
N ASN B 103 16.42 -5.21 15.62
CA ASN B 103 16.90 -4.97 16.98
C ASN B 103 15.80 -5.09 18.06
N GLN B 104 14.53 -5.10 17.65
CA GLN B 104 13.43 -5.30 18.62
C GLN B 104 13.25 -6.80 18.88
N GLY B 105 13.58 -7.24 20.09
CA GLY B 105 13.46 -8.67 20.41
C GLY B 105 14.76 -9.42 20.17
N LEU B 106 15.12 -10.28 21.10
CA LEU B 106 16.35 -11.08 21.03
C LEU B 106 16.28 -11.98 19.79
N LYS B 107 17.39 -12.08 19.06
CA LYS B 107 17.45 -12.90 17.87
C LYS B 107 18.49 -14.03 18.04
N SER B 108 18.23 -15.16 17.38
CA SER B 108 19.24 -16.22 17.38
C SER B 108 19.39 -16.76 15.98
N TYR B 109 20.26 -17.75 15.84
CA TYR B 109 20.50 -18.40 14.56
C TYR B 109 19.20 -18.98 14.01
N ARG B 110 18.30 -19.37 14.93
CA ARG B 110 16.97 -19.88 14.56
C ARG B 110 16.16 -18.92 13.70
N ASP B 111 16.40 -17.62 13.84
CA ASP B 111 15.71 -16.59 13.07
C ASP B 111 16.30 -16.34 11.69
N LEU B 112 17.48 -16.91 11.40
CA LEU B 112 18.23 -16.58 10.20
C LEU B 112 18.14 -17.70 9.18
N PRO B 113 18.11 -17.37 7.90
CA PRO B 113 18.13 -16.01 7.31
C PRO B 113 16.78 -15.32 7.56
N LEU B 114 16.84 -14.05 7.93
CA LEU B 114 15.62 -13.30 8.20
C LEU B 114 15.49 -12.35 6.99
N ARG B 115 14.47 -12.56 6.16
CA ARG B 115 14.35 -11.80 4.91
C ARG B 115 13.25 -10.76 5.10
N MET B 116 13.64 -9.48 5.11
CA MET B 116 12.74 -8.41 5.53
C MET B 116 12.53 -7.44 4.38
N ALA B 117 11.32 -7.48 3.79
CA ALA B 117 10.95 -6.68 2.64
C ALA B 117 10.12 -5.45 3.00
N GLU B 118 10.19 -4.43 2.15
CA GLU B 118 9.38 -3.25 2.32
C GLU B 118 9.26 -2.57 0.98
N PHE B 119 8.03 -2.14 0.61
CA PHE B 119 7.91 -1.16 -0.45
C PHE B 119 8.23 0.17 0.19
N GLY B 120 9.49 0.57 0.09
CA GLY B 120 10.02 1.65 0.95
C GLY B 120 10.12 2.96 0.19
N SER B 121 9.30 3.96 0.57
CA SER B 121 9.38 5.28 -0.10
C SER B 121 10.62 6.03 0.33
N CYS B 122 11.49 6.37 -0.64
CA CYS B 122 12.71 7.07 -0.34
C CYS B 122 12.63 8.46 -0.97
N HIS B 123 13.31 9.41 -0.38
CA HIS B 123 13.52 10.70 -1.06
C HIS B 123 14.98 10.97 -1.13
N ARG B 124 15.43 11.38 -2.31
CA ARG B 124 16.81 11.78 -2.54
C ARG B 124 16.80 13.06 -3.34
N ASN B 125 17.56 14.04 -2.85
CA ASN B 125 17.67 15.34 -3.49
C ASN B 125 18.57 15.32 -4.71
N GLU B 126 18.11 14.62 -5.76
CA GLU B 126 18.85 14.47 -7.02
C GLU B 126 18.97 15.88 -7.66
N PRO B 127 20.17 16.26 -8.13
CA PRO B 127 20.26 17.58 -8.76
C PRO B 127 19.23 17.71 -9.89
N SER B 128 18.61 18.89 -10.00
CA SER B 128 17.49 19.01 -10.90
C SER B 128 17.91 18.78 -12.36
N GLY B 129 19.17 19.06 -12.68
CA GLY B 129 19.66 18.82 -14.04
C GLY B 129 19.74 17.35 -14.44
N SER B 130 19.57 16.45 -13.48
CA SER B 130 19.70 15.03 -13.74
C SER B 130 18.32 14.34 -13.76
N LEU B 131 17.27 15.09 -13.44
CA LEU B 131 15.93 14.51 -13.41
C LEU B 131 15.49 14.10 -14.81
N HIS B 132 14.73 13.01 -14.92
CA HIS B 132 14.28 12.54 -16.21
C HIS B 132 13.04 11.70 -16.09
N GLY B 133 11.89 12.25 -16.46
CA GLY B 133 10.60 11.52 -16.39
C GLY B 133 10.47 10.70 -15.11
N LEU B 134 10.12 9.43 -15.26
CA LEU B 134 9.96 8.52 -14.11
C LEU B 134 11.26 7.82 -13.74
N MET B 135 12.26 7.90 -14.62
CA MET B 135 13.52 7.14 -14.46
C MET B 135 14.34 7.73 -13.32
N ARG B 136 14.35 9.04 -13.22
CA ARG B 136 15.11 9.68 -12.14
C ARG B 136 14.27 10.82 -11.61
N VAL B 137 13.67 10.53 -10.44
CA VAL B 137 12.77 11.47 -9.73
C VAL B 137 13.41 11.82 -8.37
N ARG B 138 12.69 12.50 -7.49
CA ARG B 138 13.20 12.75 -6.14
C ARG B 138 12.49 11.94 -5.05
N GLY B 139 11.25 11.52 -5.33
CA GLY B 139 10.54 10.62 -4.39
C GLY B 139 10.15 9.36 -5.11
N PHE B 140 10.57 8.20 -4.62
CA PHE B 140 10.26 6.96 -5.34
C PHE B 140 10.11 5.82 -4.34
N THR B 141 9.58 4.69 -4.78
CA THR B 141 9.37 3.56 -3.89
C THR B 141 10.19 2.34 -4.37
N GLN B 142 11.07 1.81 -3.52
CA GLN B 142 11.87 0.66 -3.84
C GLN B 142 11.09 -0.60 -3.43
N ASP B 143 11.20 -1.65 -4.24
CA ASP B 143 10.83 -3.01 -3.80
C ASP B 143 12.02 -3.56 -3.05
N ASP B 144 12.25 -3.02 -1.84
CA ASP B 144 13.48 -3.23 -1.11
C ASP B 144 13.37 -4.45 -0.18
N ALA B 145 14.52 -5.00 0.21
CA ALA B 145 14.59 -5.97 1.31
C ALA B 145 16.02 -6.04 1.85
N HIS B 146 16.14 -6.38 3.15
CA HIS B 146 17.43 -6.70 3.73
C HIS B 146 17.34 -8.06 4.32
N ILE B 147 18.31 -8.90 3.99
CA ILE B 147 18.36 -10.28 4.50
C ILE B 147 19.49 -10.30 5.51
N PHE B 148 19.13 -10.69 6.73
CA PHE B 148 20.07 -10.82 7.85
C PHE B 148 20.43 -12.29 7.86
N CYS B 149 21.71 -12.60 7.77
CA CYS B 149 22.15 -13.99 7.70
C CYS B 149 23.55 -14.19 8.29
N THR B 150 23.97 -15.46 8.37
CA THR B 150 25.33 -15.75 8.82
C THR B 150 26.29 -15.72 7.64
N GLU B 151 27.60 -15.65 7.92
CA GLU B 151 28.59 -15.75 6.87
C GLU B 151 28.40 -17.01 6.04
N GLU B 152 28.04 -18.11 6.70
CA GLU B 152 27.90 -19.40 6.02
C GLU B 152 26.73 -19.40 5.04
N GLN B 153 25.76 -18.50 5.27
CA GLN B 153 24.55 -18.39 4.46
C GLN B 153 24.66 -17.42 3.27
N ILE B 154 25.75 -16.67 3.20
CA ILE B 154 25.87 -15.66 2.16
C ILE B 154 25.68 -16.24 0.76
N ARG B 155 26.38 -17.33 0.44
CA ARG B 155 26.31 -17.85 -0.92
C ARG B 155 24.87 -18.17 -1.30
N ASP B 156 24.16 -18.89 -0.43
CA ASP B 156 22.80 -19.33 -0.79
C ASP B 156 21.88 -18.13 -0.88
N GLU B 157 22.07 -17.15 0.02
CA GLU B 157 21.16 -16.02 0.05
C GLU B 157 21.40 -15.07 -1.15
N VAL B 158 22.66 -14.88 -1.54
CA VAL B 158 22.97 -14.09 -2.74
C VAL B 158 22.41 -14.84 -3.96
N ASN B 159 22.60 -16.16 -4.04
CA ASN B 159 22.08 -16.92 -5.18
C ASN B 159 20.60 -16.80 -5.26
N GLY B 160 19.93 -16.82 -4.10
CA GLY B 160 18.47 -16.67 -4.04
C GLY B 160 18.01 -15.31 -4.57
N CYS B 161 18.76 -14.25 -4.25
CA CYS B 161 18.40 -12.92 -4.80
C CYS B 161 18.60 -12.92 -6.32
N ILE B 162 19.69 -13.51 -6.80
CA ILE B 162 19.97 -13.49 -8.25
C ILE B 162 18.87 -14.28 -8.97
N ARG B 163 18.50 -15.44 -8.42
CA ARG B 163 17.45 -16.24 -9.04
C ARG B 163 16.12 -15.48 -9.08
N LEU B 164 15.81 -14.74 -8.01
CA LEU B 164 14.61 -13.90 -7.97
C LEU B 164 14.55 -12.85 -9.10
N VAL B 165 15.67 -12.18 -9.34
CA VAL B 165 15.77 -11.21 -10.44
C VAL B 165 15.40 -11.83 -11.78
N TYR B 166 16.06 -12.92 -12.15
CA TYR B 166 15.75 -13.54 -13.46
C TYR B 166 14.34 -14.09 -13.55
N ASP B 167 13.89 -14.74 -12.45
CA ASP B 167 12.50 -15.24 -12.32
C ASP B 167 11.53 -14.07 -12.57
N MET B 168 11.64 -12.99 -11.80
CA MET B 168 10.71 -11.87 -12.01
C MET B 168 10.86 -11.20 -13.37
N TYR B 169 12.09 -11.03 -13.83
CA TYR B 169 12.30 -10.37 -15.11
C TYR B 169 11.73 -11.22 -16.28
N SER B 170 11.69 -12.54 -16.14
CA SER B 170 11.16 -13.39 -17.22
C SER B 170 9.67 -13.07 -17.49
N THR B 171 8.97 -12.67 -16.45
CA THR B 171 7.55 -12.28 -16.61
C THR B 171 7.39 -11.16 -17.61
N PHE B 172 8.37 -10.25 -17.67
CA PHE B 172 8.30 -9.08 -18.55
C PHE B 172 9.01 -9.30 -19.88
N GLY B 173 9.74 -10.42 -20.00
CA GLY B 173 10.40 -10.81 -21.25
C GLY B 173 11.62 -10.01 -21.68
N PHE B 174 12.32 -9.38 -20.74
CA PHE B 174 13.47 -8.50 -21.10
C PHE B 174 14.57 -9.29 -21.81
N GLU B 175 14.94 -8.84 -23.01
CA GLU B 175 15.95 -9.53 -23.81
C GLU B 175 17.38 -9.05 -23.51
N LYS B 176 17.51 -7.83 -23.00
CA LYS B 176 18.82 -7.24 -22.72
C LYS B 176 18.92 -6.88 -21.24
N ILE B 177 19.64 -7.75 -20.50
CA ILE B 177 19.96 -7.59 -19.07
C ILE B 177 21.48 -7.62 -18.86
N VAL B 178 22.03 -6.44 -18.61
CA VAL B 178 23.47 -6.25 -18.54
C VAL B 178 23.86 -6.12 -17.08
N VAL B 179 24.84 -6.91 -16.64
CA VAL B 179 25.15 -6.97 -15.21
C VAL B 179 26.51 -6.30 -14.96
N LYS B 180 26.57 -5.50 -13.91
CA LYS B 180 27.78 -4.84 -13.49
C LYS B 180 28.09 -5.22 -12.07
N LEU B 181 29.37 -5.23 -11.75
CA LEU B 181 29.80 -5.41 -10.38
C LEU B 181 30.59 -4.14 -10.01
N SER B 182 29.98 -3.36 -9.10
CA SER B 182 30.47 -2.05 -8.72
C SER B 182 31.27 -2.13 -7.42
N THR B 183 32.54 -1.76 -7.49
CA THR B 183 33.48 -2.05 -6.42
C THR B 183 33.71 -0.79 -5.52
N ARG B 184 34.62 -0.93 -4.54
CA ARG B 184 34.80 0.06 -3.46
C ARG B 184 34.92 1.48 -3.96
N PRO B 185 34.04 2.37 -3.48
CA PRO B 185 34.13 3.76 -3.88
C PRO B 185 35.13 4.51 -3.00
N GLU B 186 35.42 5.75 -3.39
CA GLU B 186 36.42 6.53 -2.71
C GLU B 186 36.07 6.75 -1.24
N LYS B 187 34.82 7.06 -0.96
CA LYS B 187 34.32 7.24 0.41
C LYS B 187 33.54 6.03 0.84
N ARG B 188 34.06 5.30 1.82
CA ARG B 188 33.41 4.07 2.21
C ARG B 188 33.61 3.76 3.67
N ILE B 189 32.82 2.82 4.19
CA ILE B 189 33.06 2.30 5.54
C ILE B 189 33.44 0.84 5.43
N GLY B 190 34.09 0.32 6.46
CA GLY B 190 34.56 -1.08 6.43
C GLY B 190 36.01 -1.19 5.99
N SER B 191 36.70 -2.21 6.48
CA SER B 191 38.12 -2.39 6.19
C SER B 191 38.34 -2.83 4.77
N ASP B 192 39.57 -2.67 4.27
CA ASP B 192 39.90 -3.12 2.91
C ASP B 192 39.72 -4.63 2.81
N GLU B 193 40.00 -5.34 3.91
CA GLU B 193 39.87 -6.78 3.96
C GLU B 193 38.38 -7.21 3.79
N MET B 194 37.49 -6.48 4.46
CA MET B 194 36.05 -6.68 4.35
C MET B 194 35.62 -6.50 2.88
N TRP B 195 36.11 -5.44 2.24
CA TRP B 195 35.81 -5.20 0.83
C TRP B 195 36.36 -6.26 -0.12
N ASP B 196 37.57 -6.77 0.18
CA ASP B 196 38.13 -7.86 -0.62
C ASP B 196 37.19 -9.05 -0.60
N ARG B 197 36.74 -9.40 0.59
CA ARG B 197 35.88 -10.59 0.79
C ARG B 197 34.53 -10.37 0.11
N ALA B 198 33.95 -9.17 0.27
CA ALA B 198 32.60 -8.88 -0.27
C ALA B 198 32.61 -8.84 -1.79
N GLU B 199 33.63 -8.21 -2.37
CA GLU B 199 33.75 -8.13 -3.82
C GLU B 199 33.97 -9.54 -4.40
N ALA B 200 34.80 -10.34 -3.73
CA ALA B 200 35.02 -11.70 -4.21
C ALA B 200 33.73 -12.53 -4.13
N ASP B 201 32.96 -12.39 -3.04
CA ASP B 201 31.73 -13.17 -2.88
C ASP B 201 30.76 -12.86 -3.99
N LEU B 202 30.67 -11.59 -4.38
CA LEU B 202 29.73 -11.27 -5.45
C LEU B 202 30.23 -11.75 -6.82
N ALA B 203 31.54 -11.61 -7.07
CA ALA B 203 32.10 -12.03 -8.34
C ALA B 203 31.90 -13.55 -8.46
N VAL B 204 32.16 -14.29 -7.38
CA VAL B 204 31.97 -15.74 -7.41
C VAL B 204 30.50 -16.11 -7.65
N ALA B 205 29.57 -15.39 -7.00
CA ALA B 205 28.16 -15.66 -7.21
C ALA B 205 27.78 -15.42 -8.68
N LEU B 206 28.28 -14.34 -9.28
CA LEU B 206 27.94 -14.11 -10.68
C LEU B 206 28.45 -15.23 -11.57
N GLU B 207 29.70 -15.63 -11.38
CA GLU B 207 30.27 -16.69 -12.23
C GLU B 207 29.62 -18.08 -12.03
N GLU B 208 29.25 -18.40 -10.79
CA GLU B 208 28.56 -19.67 -10.50
C GLU B 208 27.20 -19.68 -11.13
N ASN B 209 26.61 -18.50 -11.28
CA ASN B 209 25.32 -18.40 -11.93
C ASN B 209 25.45 -18.20 -13.44
N ASN B 210 26.67 -18.32 -13.96
CA ASN B 210 26.92 -18.21 -15.40
C ASN B 210 26.60 -16.82 -15.99
N ILE B 211 26.74 -15.77 -15.16
CA ILE B 211 26.36 -14.40 -15.60
C ILE B 211 27.60 -13.63 -16.03
N PRO B 212 27.70 -13.25 -17.33
CA PRO B 212 28.80 -12.39 -17.72
C PRO B 212 28.57 -11.02 -17.12
N PHE B 213 29.63 -10.35 -16.72
CA PHE B 213 29.44 -9.05 -16.09
C PHE B 213 30.67 -8.22 -16.38
N GLU B 214 30.51 -6.90 -16.25
CA GLU B 214 31.67 -6.03 -16.31
C GLU B 214 31.89 -5.30 -14.99
N TYR B 215 33.14 -5.07 -14.64
CA TYR B 215 33.41 -4.29 -13.45
C TYR B 215 33.09 -2.84 -13.71
N GLN B 216 32.58 -2.20 -12.66
CA GLN B 216 32.35 -0.77 -12.67
C GLN B 216 33.14 -0.27 -11.46
N LEU B 217 34.41 0.08 -11.71
CA LEU B 217 35.35 0.39 -10.62
C LEU B 217 34.96 1.66 -9.85
N GLY B 218 34.99 1.59 -8.54
CA GLY B 218 34.66 2.74 -7.67
C GLY B 218 33.18 3.13 -7.57
N GLU B 219 32.25 2.34 -8.12
CA GLU B 219 30.82 2.74 -8.17
C GLU B 219 29.95 2.03 -7.12
N GLY B 220 30.59 1.24 -6.24
CA GLY B 220 29.87 0.54 -5.16
C GLY B 220 29.21 1.49 -4.17
N ALA B 221 28.38 0.98 -3.26
CA ALA B 221 27.73 1.82 -2.25
C ALA B 221 28.77 2.11 -1.15
N PHE B 222 28.55 3.12 -0.32
CA PHE B 222 29.53 3.44 0.73
C PHE B 222 29.68 2.28 1.72
N TYR B 223 28.62 1.46 1.83
CA TYR B 223 28.60 0.30 2.78
C TYR B 223 28.89 -1.07 2.15
N GLY B 224 28.99 -1.14 0.82
CA GLY B 224 29.36 -2.40 0.20
C GLY B 224 29.28 -2.43 -1.32
N PRO B 225 29.84 -3.50 -1.90
CA PRO B 225 29.84 -3.64 -3.35
C PRO B 225 28.45 -4.03 -3.84
N LYS B 226 28.17 -3.78 -5.11
CA LYS B 226 26.85 -3.98 -5.65
C LYS B 226 26.92 -4.70 -6.97
N ILE B 227 26.11 -5.77 -7.10
CA ILE B 227 25.72 -6.23 -8.42
C ILE B 227 24.60 -5.31 -8.93
N GLU B 228 24.66 -4.88 -10.20
CA GLU B 228 23.56 -4.09 -10.76
C GLU B 228 23.02 -4.79 -12.00
N PHE B 229 21.70 -4.90 -12.09
CA PHE B 229 21.02 -5.46 -13.23
C PHE B 229 20.49 -4.27 -14.01
N THR B 230 21.09 -4.01 -15.15
CA THR B 230 20.83 -2.82 -15.94
C THR B 230 19.81 -3.12 -17.01
N LEU B 231 18.80 -2.28 -17.14
CA LEU B 231 17.86 -2.34 -18.28
C LEU B 231 17.97 -1.04 -19.06
N TYR B 232 17.44 -1.07 -20.29
CA TYR B 232 17.72 -0.02 -21.30
C TYR B 232 16.43 0.56 -21.82
N ASP B 233 16.35 1.89 -21.84
CA ASP B 233 15.17 2.55 -22.37
C ASP B 233 15.22 2.67 -23.91
N CYS B 234 14.27 3.41 -24.49
CA CYS B 234 14.14 3.51 -25.95
C CYS B 234 15.34 4.08 -26.67
N LEU B 235 16.07 4.95 -25.99
CA LEU B 235 17.29 5.53 -26.54
C LEU B 235 18.55 4.72 -26.19
N ASP B 236 18.36 3.47 -25.76
CA ASP B 236 19.42 2.61 -25.24
C ASP B 236 20.24 3.24 -24.07
N ARG B 237 19.64 4.13 -23.25
CA ARG B 237 20.31 4.62 -22.02
C ARG B 237 20.19 3.56 -20.91
N ALA B 238 21.25 3.40 -20.14
CA ALA B 238 21.34 2.34 -19.09
C ALA B 238 20.75 2.82 -17.77
N TRP B 239 19.91 1.98 -17.13
CA TRP B 239 19.23 2.34 -15.88
C TRP B 239 19.38 1.18 -14.92
N GLN B 240 19.99 1.43 -13.77
CA GLN B 240 20.06 0.40 -12.74
C GLN B 240 18.65 0.04 -12.25
N CYS B 241 18.30 -1.24 -12.35
CA CYS B 241 17.01 -1.68 -11.81
C CYS B 241 17.29 -2.63 -10.65
N GLY B 242 17.43 -3.94 -10.93
CA GLY B 242 17.75 -4.91 -9.82
C GLY B 242 19.12 -4.61 -9.24
N THR B 243 19.32 -4.85 -7.94
CA THR B 243 20.65 -4.71 -7.39
C THR B 243 20.77 -5.61 -6.18
N VAL B 244 21.96 -6.17 -5.94
CA VAL B 244 22.21 -7.07 -4.81
C VAL B 244 23.51 -6.60 -4.22
N GLN B 245 23.53 -6.32 -2.92
CA GLN B 245 24.70 -5.68 -2.29
C GLN B 245 25.02 -6.38 -0.98
N LEU B 246 26.30 -6.42 -0.65
CA LEU B 246 26.74 -7.23 0.47
C LEU B 246 27.39 -6.30 1.47
N ASP B 247 26.86 -6.29 2.70
CA ASP B 247 27.16 -5.27 3.71
C ASP B 247 27.63 -5.93 5.01
N PHE B 248 28.93 -5.78 5.29
CA PHE B 248 29.51 -6.24 6.55
C PHE B 248 29.68 -5.12 7.58
N SER B 249 29.07 -3.95 7.33
CA SER B 249 29.32 -2.78 8.18
C SER B 249 28.12 -2.12 8.86
N LEU B 250 26.98 -1.95 8.18
CA LEU B 250 25.86 -1.20 8.80
C LEU B 250 25.32 -1.88 10.04
N PRO B 251 25.13 -3.21 10.00
CA PRO B 251 24.57 -3.84 11.18
C PRO B 251 25.40 -3.59 12.42
N SER B 252 26.73 -3.67 12.30
CA SER B 252 27.57 -3.43 13.44
C SER B 252 27.43 -1.97 13.94
N ARG B 253 27.31 -1.03 13.01
CA ARG B 253 27.20 0.37 13.44
C ARG B 253 25.90 0.63 14.15
N LEU B 254 24.90 -0.20 13.84
CA LEU B 254 23.61 -0.10 14.51
C LEU B 254 23.35 -1.12 15.62
N SER B 255 24.41 -1.72 16.14
CA SER B 255 24.35 -2.69 17.24
C SER B 255 23.43 -3.88 17.00
N ALA B 256 23.38 -4.37 15.78
CA ALA B 256 22.61 -5.58 15.53
C ALA B 256 23.45 -6.81 15.95
N SER B 257 22.80 -7.80 16.58
CA SER B 257 23.48 -9.04 16.90
C SER B 257 22.47 -10.19 17.07
N TYR B 258 22.98 -11.41 17.11
CA TYR B 258 22.15 -12.58 17.37
C TYR B 258 23.03 -13.61 18.09
N VAL B 259 22.40 -14.58 18.74
CA VAL B 259 23.12 -15.69 19.39
C VAL B 259 23.26 -16.82 18.38
N GLY B 260 24.50 -17.18 18.04
CA GLY B 260 24.74 -18.22 17.05
C GLY B 260 24.49 -19.63 17.57
N GLU B 261 24.48 -20.60 16.65
CA GLU B 261 24.30 -22.02 16.95
C GLU B 261 25.37 -22.51 17.92
N ASP B 262 26.57 -21.93 17.81
CA ASP B 262 27.67 -22.26 18.72
C ASP B 262 27.71 -21.36 19.96
N ASN B 263 26.60 -20.67 20.23
CA ASN B 263 26.43 -19.80 21.42
C ASN B 263 27.17 -18.46 21.40
N GLU B 264 28.04 -18.28 20.42
CA GLU B 264 28.74 -17.02 20.22
C GLU B 264 27.80 -15.94 19.66
N ARG B 265 27.72 -14.79 20.30
CA ARG B 265 26.89 -13.69 19.80
C ARG B 265 27.65 -12.97 18.68
N LYS B 266 27.06 -12.91 17.49
CA LYS B 266 27.74 -12.28 16.36
C LYS B 266 26.88 -11.21 15.76
N VAL B 267 27.50 -10.43 14.90
CA VAL B 267 26.80 -9.46 14.06
C VAL B 267 26.29 -10.18 12.80
N PRO B 268 25.01 -9.95 12.43
CA PRO B 268 24.56 -10.58 11.18
C PRO B 268 25.18 -9.90 9.96
N VAL B 269 25.40 -10.67 8.92
CA VAL B 269 25.73 -10.10 7.61
C VAL B 269 24.42 -9.54 7.11
N MET B 270 24.46 -8.50 6.30
CA MET B 270 23.22 -8.06 5.70
C MET B 270 23.33 -7.92 4.20
N ILE B 271 22.42 -8.54 3.47
CA ILE B 271 22.33 -8.38 2.03
C ILE B 271 21.22 -7.40 1.71
N HIS B 272 21.52 -6.39 0.88
CA HIS B 272 20.49 -5.43 0.49
C HIS B 272 20.10 -5.86 -0.89
N ARG B 273 18.82 -5.81 -1.22
CA ARG B 273 18.48 -6.00 -2.63
C ARG B 273 17.18 -5.37 -3.03
N ALA B 274 17.12 -4.95 -4.29
CA ALA B 274 15.84 -4.57 -4.92
C ALA B 274 15.76 -5.35 -6.21
N ILE B 275 14.56 -5.80 -6.57
CA ILE B 275 14.45 -6.62 -7.78
C ILE B 275 14.01 -5.73 -8.93
N LEU B 276 12.88 -5.05 -8.77
CA LEU B 276 12.46 -4.09 -9.81
C LEU B 276 13.35 -2.84 -9.79
N GLY B 277 13.76 -2.40 -8.61
CA GLY B 277 14.58 -1.20 -8.47
C GLY B 277 13.77 -0.15 -7.73
N SER B 278 13.17 0.77 -8.47
CA SER B 278 12.03 1.52 -7.91
C SER B 278 10.80 1.24 -8.79
N MET B 279 9.61 1.43 -8.20
CA MET B 279 8.39 1.23 -9.00
C MET B 279 8.34 2.27 -10.15
N GLU B 280 8.70 3.49 -9.84
CA GLU B 280 8.72 4.59 -10.82
C GLU B 280 9.64 4.26 -12.00
N ARG B 281 10.89 3.98 -11.71
CA ARG B 281 11.86 3.68 -12.79
C ARG B 281 11.39 2.44 -13.58
N PHE B 282 10.95 1.42 -12.86
CA PHE B 282 10.55 0.16 -13.53
C PHE B 282 9.31 0.39 -14.40
N ILE B 283 8.34 1.16 -13.91
CA ILE B 283 7.20 1.55 -14.76
C ILE B 283 7.67 2.40 -15.98
N GLY B 284 8.64 3.30 -15.81
CA GLY B 284 9.15 4.03 -17.01
C GLY B 284 9.71 3.02 -18.04
N ILE B 285 10.52 2.08 -17.56
CA ILE B 285 11.07 1.03 -18.42
C ILE B 285 9.95 0.21 -19.10
N LEU B 286 8.97 -0.26 -18.32
CA LEU B 286 7.88 -1.06 -18.90
C LEU B 286 7.12 -0.29 -19.97
N THR B 287 6.90 0.98 -19.69
CA THR B 287 6.11 1.81 -20.58
C THR B 287 6.80 1.88 -21.94
N GLU B 288 8.12 2.02 -21.96
CA GLU B 288 8.84 2.08 -23.23
C GLU B 288 8.98 0.72 -23.84
N GLU B 289 9.26 -0.29 -23.01
CA GLU B 289 9.39 -1.70 -23.48
C GLU B 289 8.15 -2.15 -24.23
N PHE B 290 6.96 -1.78 -23.74
CA PHE B 290 5.69 -2.20 -24.36
C PHE B 290 5.04 -1.12 -25.25
N ALA B 291 5.64 0.06 -25.30
CA ALA B 291 5.09 1.24 -26.00
C ALA B 291 3.67 1.53 -25.55
N GLY B 292 3.44 1.38 -24.26
CA GLY B 292 2.09 1.57 -23.70
C GLY B 292 1.11 0.44 -23.88
N PHE B 293 1.48 -0.62 -24.63
CA PHE B 293 0.61 -1.80 -24.83
C PHE B 293 0.91 -2.77 -23.67
N PHE B 294 0.46 -2.44 -22.46
CA PHE B 294 0.74 -3.28 -21.28
C PHE B 294 0.10 -4.66 -21.39
N PRO B 295 0.80 -5.71 -20.90
CA PRO B 295 0.16 -7.02 -20.95
C PRO B 295 -1.14 -6.95 -20.13
N THR B 296 -2.12 -7.79 -20.43
CA THR B 296 -3.44 -7.67 -19.83
C THR B 296 -3.42 -7.52 -18.29
N TRP B 297 -2.60 -8.30 -17.63
CA TRP B 297 -2.59 -8.27 -16.17
C TRP B 297 -2.20 -6.91 -15.58
N LEU B 298 -1.43 -6.15 -16.33
CA LEU B 298 -0.99 -4.80 -15.92
C LEU B 298 -1.82 -3.66 -16.48
N ALA B 299 -2.67 -3.92 -17.46
CA ALA B 299 -3.35 -2.86 -18.17
C ALA B 299 -4.33 -2.13 -17.22
N PRO B 300 -4.30 -0.78 -17.17
CA PRO B 300 -5.15 -0.06 -16.21
C PRO B 300 -6.62 -0.43 -16.36
N VAL B 301 -7.11 -0.48 -17.61
CA VAL B 301 -8.46 -0.94 -17.93
C VAL B 301 -8.28 -2.11 -18.88
N GLN B 302 -8.79 -3.27 -18.50
CA GLN B 302 -8.56 -4.49 -19.29
C GLN B 302 -9.62 -4.66 -20.39
N VAL B 303 -10.86 -4.23 -20.10
CA VAL B 303 -11.96 -4.46 -21.07
C VAL B 303 -12.81 -3.20 -21.07
N VAL B 304 -13.22 -2.74 -22.25
CA VAL B 304 -14.35 -1.81 -22.31
C VAL B 304 -15.51 -2.48 -23.07
N ILE B 305 -16.71 -2.40 -22.51
CA ILE B 305 -17.90 -2.94 -23.18
C ILE B 305 -18.76 -1.76 -23.69
N MET B 306 -19.14 -1.81 -24.97
CA MET B 306 -19.87 -0.72 -25.61
C MET B 306 -21.20 -1.21 -26.19
N ASN B 307 -22.22 -0.37 -26.09
CA ASN B 307 -23.44 -0.57 -26.85
C ASN B 307 -23.40 0.21 -28.17
N ILE B 308 -24.18 -0.25 -29.14
CA ILE B 308 -24.32 0.43 -30.44
C ILE B 308 -25.34 1.56 -30.30
N THR B 309 -26.47 1.26 -29.65
CA THR B 309 -27.53 2.24 -29.31
C THR B 309 -28.06 1.87 -27.92
N ASP B 310 -28.92 2.70 -27.34
CA ASP B 310 -29.43 2.38 -26.00
C ASP B 310 -30.27 1.10 -25.90
N SER B 311 -30.64 0.51 -27.04
CA SER B 311 -31.29 -0.82 -27.05
C SER B 311 -30.46 -1.86 -26.28
N GLN B 312 -29.13 -1.75 -26.35
CA GLN B 312 -28.27 -2.73 -25.70
C GLN B 312 -27.66 -2.21 -24.39
N SER B 313 -28.15 -1.09 -23.86
CA SER B 313 -27.62 -0.51 -22.59
C SER B 313 -27.71 -1.47 -21.45
N GLU B 314 -28.86 -2.10 -21.31
CA GLU B 314 -29.12 -2.94 -20.17
C GLU B 314 -28.22 -4.18 -20.20
N TYR B 315 -28.10 -4.80 -21.37
CA TYR B 315 -27.21 -5.94 -21.57
C TYR B 315 -25.75 -5.55 -21.27
N VAL B 316 -25.32 -4.39 -21.74
CA VAL B 316 -23.94 -3.91 -21.45
C VAL B 316 -23.71 -3.77 -19.94
N ASN B 317 -24.64 -3.16 -19.23
CA ASN B 317 -24.50 -3.03 -17.77
C ASN B 317 -24.42 -4.40 -17.08
N GLU B 318 -25.29 -5.32 -17.50
CA GLU B 318 -25.28 -6.69 -16.99
C GLU B 318 -23.89 -7.35 -17.18
N LEU B 319 -23.33 -7.29 -18.40
CA LEU B 319 -22.02 -7.91 -18.67
C LEU B 319 -20.92 -7.24 -17.90
N THR B 320 -21.01 -5.92 -17.78
CA THR B 320 -20.01 -5.14 -17.03
C THR B 320 -19.98 -5.59 -15.58
N GLN B 321 -21.16 -5.71 -14.96
CA GLN B 321 -21.18 -6.20 -13.58
C GLN B 321 -20.64 -7.64 -13.51
N LYS B 322 -21.02 -8.47 -14.49
CA LYS B 322 -20.60 -9.87 -14.51
C LYS B 322 -19.06 -9.96 -14.61
N LEU B 323 -18.46 -9.17 -15.50
CA LEU B 323 -17.00 -9.19 -15.66
C LEU B 323 -16.28 -8.62 -14.44
N SER B 324 -16.85 -7.54 -13.91
CA SER B 324 -16.28 -6.92 -12.72
C SER B 324 -16.28 -7.88 -11.52
N ASN B 325 -17.39 -8.60 -11.32
CA ASN B 325 -17.47 -9.66 -10.28
C ASN B 325 -16.48 -10.80 -10.51
N ALA B 326 -16.11 -11.04 -11.78
CA ALA B 326 -15.12 -12.04 -12.13
C ALA B 326 -13.69 -11.55 -11.86
N GLY B 327 -13.56 -10.35 -11.32
CA GLY B 327 -12.24 -9.77 -11.05
C GLY B 327 -11.56 -9.03 -12.19
N ILE B 328 -12.29 -8.72 -13.26
CA ILE B 328 -11.70 -8.05 -14.42
C ILE B 328 -11.90 -6.54 -14.30
N ARG B 329 -10.87 -5.74 -14.63
CA ARG B 329 -11.05 -4.27 -14.66
C ARG B 329 -11.76 -3.88 -15.93
N VAL B 330 -13.06 -3.60 -15.81
CA VAL B 330 -13.96 -3.45 -16.98
C VAL B 330 -14.74 -2.16 -16.78
N LYS B 331 -15.01 -1.46 -17.87
CA LYS B 331 -15.84 -0.26 -17.83
C LYS B 331 -16.88 -0.40 -18.94
N ALA B 332 -18.07 0.19 -18.72
CA ALA B 332 -19.11 0.29 -19.73
C ALA B 332 -18.97 1.66 -20.40
N ASP B 333 -19.07 1.70 -21.72
CA ASP B 333 -19.08 2.97 -22.43
C ASP B 333 -20.44 3.09 -23.10
N LEU B 334 -21.34 3.80 -22.43
CA LEU B 334 -22.74 3.90 -22.85
C LEU B 334 -23.05 5.24 -23.49
N ARG B 335 -22.02 5.99 -23.89
CA ARG B 335 -22.18 7.34 -24.41
C ARG B 335 -22.99 7.34 -25.70
N ASN B 336 -23.73 8.42 -25.95
CA ASN B 336 -24.41 8.62 -27.22
C ASN B 336 -23.39 9.09 -28.29
N GLU B 337 -22.50 8.16 -28.67
CA GLU B 337 -21.50 8.38 -29.70
C GLU B 337 -21.54 7.17 -30.66
N LYS B 338 -21.14 7.37 -31.91
CA LYS B 338 -21.15 6.27 -32.87
C LYS B 338 -20.20 5.17 -32.37
N ILE B 339 -20.55 3.92 -32.64
CA ILE B 339 -19.73 2.78 -32.14
C ILE B 339 -18.25 2.91 -32.62
N GLY B 340 -18.05 3.34 -33.87
CA GLY B 340 -16.69 3.51 -34.43
C GLY B 340 -15.85 4.58 -33.75
N PHE B 341 -16.52 5.60 -33.21
CA PHE B 341 -15.91 6.64 -32.38
C PHE B 341 -15.45 6.05 -31.02
N LYS B 342 -16.35 5.31 -30.36
CA LYS B 342 -16.05 4.68 -29.05
C LYS B 342 -14.84 3.71 -29.20
N ILE B 343 -14.90 2.86 -30.21
CA ILE B 343 -13.83 1.88 -30.45
C ILE B 343 -12.47 2.57 -30.62
N ARG B 344 -12.44 3.65 -31.40
CA ARG B 344 -11.17 4.30 -31.65
C ARG B 344 -10.59 4.86 -30.33
N GLU B 345 -11.44 5.50 -29.52
CA GLU B 345 -10.98 6.05 -28.23
C GLU B 345 -10.30 4.96 -27.34
N HIS B 346 -10.95 3.80 -27.21
CA HIS B 346 -10.40 2.75 -26.35
C HIS B 346 -9.21 2.08 -26.92
N THR B 347 -9.19 1.98 -28.27
CA THR B 347 -8.01 1.51 -29.02
C THR B 347 -6.77 2.38 -28.76
N LEU B 348 -6.93 3.71 -28.86
CA LEU B 348 -5.85 4.65 -28.62
C LEU B 348 -5.43 4.62 -27.16
N ARG B 349 -6.37 4.33 -26.28
CA ARG B 349 -6.04 4.15 -24.85
C ARG B 349 -5.36 2.82 -24.54
N ARG B 350 -5.19 1.95 -25.53
CA ARG B 350 -4.52 0.64 -25.40
C ARG B 350 -5.25 -0.31 -24.45
N VAL B 351 -6.58 -0.24 -24.42
CA VAL B 351 -7.39 -1.24 -23.71
C VAL B 351 -7.26 -2.57 -24.49
N PRO B 352 -6.77 -3.63 -23.81
CA PRO B 352 -6.51 -4.91 -24.50
C PRO B 352 -7.73 -5.43 -25.27
N TYR B 353 -8.92 -5.39 -24.64
CA TYR B 353 -10.11 -5.97 -25.27
C TYR B 353 -11.30 -5.02 -25.27
N MET B 354 -11.99 -5.01 -26.40
CA MET B 354 -13.22 -4.26 -26.56
C MET B 354 -14.36 -5.17 -26.94
N LEU B 355 -15.45 -5.07 -26.20
CA LEU B 355 -16.63 -5.89 -26.44
C LEU B 355 -17.75 -5.02 -26.96
N VAL B 356 -18.25 -5.39 -28.13
CA VAL B 356 -19.28 -4.59 -28.78
C VAL B 356 -20.58 -5.41 -28.73
N CYS B 357 -21.65 -4.74 -28.31
CA CYS B 357 -22.94 -5.38 -28.20
C CYS B 357 -23.95 -4.68 -29.10
N GLY B 358 -24.39 -5.36 -30.14
CA GLY B 358 -25.56 -4.91 -30.90
C GLY B 358 -26.68 -5.89 -30.62
N ASP B 359 -27.78 -5.77 -31.38
CA ASP B 359 -28.96 -6.60 -31.13
C ASP B 359 -28.69 -8.09 -31.21
N LYS B 360 -27.90 -8.49 -32.20
CA LYS B 360 -27.55 -9.88 -32.42
C LYS B 360 -26.88 -10.50 -31.18
N GLU B 361 -26.02 -9.70 -30.54
CA GLU B 361 -25.31 -10.14 -29.33
C GLU B 361 -26.27 -10.27 -28.16
N VAL B 362 -27.15 -9.28 -27.98
CA VAL B 362 -28.16 -9.36 -26.93
C VAL B 362 -28.97 -10.64 -27.11
N GLU B 363 -29.54 -10.86 -28.30
CA GLU B 363 -30.39 -12.04 -28.55
C GLU B 363 -29.67 -13.34 -28.17
N SER B 364 -28.39 -13.44 -28.54
CA SER B 364 -27.66 -14.69 -28.42
C SER B 364 -26.93 -14.83 -27.10
N GLY B 365 -26.89 -13.77 -26.33
CA GLY B 365 -26.08 -13.78 -25.12
C GLY B 365 -24.59 -13.88 -25.38
N LYS B 366 -24.15 -13.35 -26.52
CA LYS B 366 -22.72 -13.36 -26.87
C LYS B 366 -22.20 -11.92 -26.89
N VAL B 367 -20.93 -11.76 -27.27
CA VAL B 367 -20.31 -10.43 -27.46
C VAL B 367 -19.33 -10.47 -28.63
N ALA B 368 -19.24 -9.35 -29.38
CA ALA B 368 -18.29 -9.24 -30.47
C ALA B 368 -17.00 -8.69 -29.88
N VAL B 369 -15.90 -9.37 -30.09
CA VAL B 369 -14.66 -9.05 -29.40
C VAL B 369 -13.60 -8.57 -30.38
N ARG B 370 -13.00 -7.42 -30.09
CA ARG B 370 -11.84 -6.96 -30.85
C ARG B 370 -10.74 -6.49 -29.92
N THR B 371 -9.55 -6.32 -30.46
CA THR B 371 -8.42 -5.94 -29.59
C THR B 371 -7.87 -4.58 -29.98
N ARG B 372 -7.03 -4.04 -29.09
CA ARG B 372 -6.33 -2.79 -29.34
C ARG B 372 -5.31 -2.86 -30.47
N ARG B 373 -4.94 -4.06 -30.94
CA ARG B 373 -4.14 -4.20 -32.20
C ARG B 373 -4.96 -4.32 -33.49
N GLY B 374 -6.27 -4.14 -33.40
CA GLY B 374 -7.18 -4.27 -34.53
C GLY B 374 -7.61 -5.69 -34.86
N LYS B 375 -7.29 -6.67 -34.02
CA LYS B 375 -7.69 -8.05 -34.29
C LYS B 375 -9.18 -8.19 -34.01
N ASP B 376 -9.87 -8.86 -34.91
CA ASP B 376 -11.30 -9.08 -34.75
C ASP B 376 -11.48 -10.56 -34.40
N LEU B 377 -11.84 -10.81 -33.14
CA LEU B 377 -12.04 -12.19 -32.66
C LEU B 377 -13.48 -12.69 -32.90
N GLY B 378 -14.34 -11.84 -33.47
CA GLY B 378 -15.70 -12.25 -33.85
C GLY B 378 -16.58 -12.44 -32.62
N SER B 379 -17.66 -13.22 -32.74
CA SER B 379 -18.61 -13.45 -31.63
C SER B 379 -18.12 -14.52 -30.70
N MET B 380 -18.17 -14.24 -29.41
CA MET B 380 -17.68 -15.19 -28.43
C MET B 380 -18.71 -15.31 -27.34
N ASP B 381 -18.80 -16.50 -26.76
CA ASP B 381 -19.74 -16.66 -25.66
C ASP B 381 -19.12 -15.96 -24.43
N VAL B 382 -19.97 -15.38 -23.61
CA VAL B 382 -19.53 -14.54 -22.50
C VAL B 382 -18.68 -15.31 -21.46
N ASN B 383 -19.12 -16.48 -21.04
CA ASN B 383 -18.31 -17.23 -20.08
C ASN B 383 -16.93 -17.61 -20.63
N GLU B 384 -16.87 -17.90 -21.93
CA GLU B 384 -15.60 -18.16 -22.59
C GLU B 384 -14.68 -16.91 -22.57
N VAL B 385 -15.20 -15.71 -22.84
CA VAL B 385 -14.31 -14.55 -22.73
C VAL B 385 -13.84 -14.34 -21.29
N ILE B 386 -14.75 -14.52 -20.33
CA ILE B 386 -14.39 -14.44 -18.91
C ILE B 386 -13.26 -15.44 -18.56
N GLU B 387 -13.45 -16.70 -18.93
CA GLU B 387 -12.47 -17.73 -18.56
C GLU B 387 -11.11 -17.47 -19.20
N LYS B 388 -11.09 -17.07 -20.46
CA LYS B 388 -9.87 -16.73 -21.18
C LYS B 388 -9.15 -15.55 -20.52
N LEU B 389 -9.89 -14.49 -20.23
CA LEU B 389 -9.31 -13.33 -19.56
C LEU B 389 -8.72 -13.71 -18.20
N GLN B 390 -9.49 -14.44 -17.39
CA GLN B 390 -9.03 -14.83 -16.06
C GLN B 390 -7.75 -15.64 -16.15
N GLN B 391 -7.68 -16.51 -17.16
CA GLN B 391 -6.51 -17.33 -17.38
C GLN B 391 -5.27 -16.48 -17.73
N GLU B 392 -5.46 -15.54 -18.65
CA GLU B 392 -4.36 -14.68 -19.07
C GLU B 392 -3.89 -13.69 -17.97
N ILE B 393 -4.84 -13.27 -17.14
CA ILE B 393 -4.52 -12.47 -15.95
C ILE B 393 -3.77 -13.26 -14.88
N ARG B 394 -4.33 -14.38 -14.47
CA ARG B 394 -3.73 -15.23 -13.45
C ARG B 394 -2.33 -15.68 -13.89
N SER B 395 -2.12 -15.95 -15.18
CA SER B 395 -0.83 -16.45 -15.62
C SER B 395 0.16 -15.30 -15.90
N ARG B 396 -0.33 -14.06 -15.77
CA ARG B 396 0.45 -12.87 -16.12
C ARG B 396 1.11 -12.99 -17.53
N SER B 397 0.32 -13.43 -18.50
CA SER B 397 0.87 -13.74 -19.83
C SER B 397 1.41 -12.50 -20.55
N LEU B 398 2.62 -12.65 -21.10
CA LEU B 398 3.30 -11.61 -21.87
C LEU B 398 2.59 -11.07 -23.09
N LYS B 399 1.84 -11.91 -23.82
CA LYS B 399 1.02 -11.44 -24.95
C LYS B 399 -0.24 -12.28 -24.97
N GLN B 400 -1.13 -12.02 -25.93
CA GLN B 400 -2.08 -13.05 -26.44
C GLN B 400 -3.01 -12.52 -27.55
ZN ZN C . -9.16 16.82 2.50
O8 409 D . -7.56 15.79 6.89
C4 409 D . -8.76 15.94 6.73
C3 409 D . -9.37 16.09 5.35
C2 409 D . -9.60 14.72 4.70
C1 409 D . -10.76 13.94 5.37
O6 409 D . -9.86 14.92 3.28
N7 409 D . -8.47 16.85 4.51
N5 409 D . -9.60 15.98 7.76
S9 409 D . -9.05 15.77 9.27
O10 409 D . -10.16 16.00 10.13
O11 409 D . -7.98 16.66 9.53
C12 409 D . -8.55 14.24 9.56
C13 409 D . -9.14 13.17 8.88
C14 409 D . -8.73 11.83 9.12
C15 409 D . -7.71 11.61 10.05
C16 409 D . -7.17 12.66 10.78
C17 409 D . -7.56 13.97 10.49
C18 409 D . -6.04 12.40 11.72
C19 409 D . -5.27 13.49 12.17
C20 409 D . -4.17 13.33 12.99
C21 409 D . -3.80 12.03 13.39
C22 409 D . -4.57 10.87 12.92
C23 409 D . -5.68 11.10 12.09
C27 409 D . -2.61 11.77 14.23
N28 409 D . -1.84 12.78 14.67
N26 409 D . -2.33 10.50 14.56
C25 409 D . -3.09 9.47 14.12
N24 409 D . -4.17 9.63 13.32
ZN ZN E . 19.64 -1.14 1.80
O8 409 F . 19.12 1.87 -1.93
C4 409 F . 19.81 0.88 -2.09
C3 409 F . 19.86 -0.20 -1.03
C2 409 F . 18.63 -1.10 -1.13
C1 409 F . 18.72 -2.08 -2.30
O6 409 F . 18.53 -1.84 0.10
N7 409 F . 19.86 0.45 0.28
N5 409 F . 20.59 0.68 -3.15
S9 409 F . 20.57 1.67 -4.41
O10 409 F . 21.50 1.23 -5.40
O11 409 F . 20.87 2.99 -3.94
C12 409 F . 19.12 1.71 -5.15
C13 409 F . 18.32 0.59 -5.18
C14 409 F . 17.06 0.63 -5.82
C15 409 F . 16.63 1.82 -6.45
C16 409 F . 17.48 2.93 -6.48
C17 409 F . 18.70 2.88 -5.80
C18 409 F . 17.00 4.23 -7.09
C19 409 F . 17.70 5.41 -6.78
C20 409 F . 17.27 6.64 -7.28
C21 409 F . 16.11 6.71 -8.06
C22 409 F . 15.37 5.49 -8.40
C23 409 F . 15.84 4.27 -7.88
C27 409 F . 15.60 7.98 -8.59
N28 409 F . 16.29 9.09 -8.29
N26 409 F . 14.47 7.96 -9.36
C25 409 F . 13.81 6.81 -9.63
N24 409 F . 14.24 5.59 -9.17
#